data_7QE0
#
_entry.id   7QE0
#
_cell.length_a   1.00
_cell.length_b   1.00
_cell.length_c   1.00
_cell.angle_alpha   90.00
_cell.angle_beta   90.00
_cell.angle_gamma   90.00
#
_symmetry.space_group_name_H-M   'P 1'
#
loop_
_entity.id
_entity.type
_entity.pdbx_description
1 polymer 'Helicase SKI2W'
2 polymer "RNA (5'-R(P*UP*UP*UP*UP*UP*UP*UP*UP*U)-3')"
#
loop_
_entity_poly.entity_id
_entity_poly.type
_entity_poly.pdbx_seq_one_letter_code
_entity_poly.pdbx_strand_id
1 'polypeptide(L)'
;MMETERLVLPPPDPLDLPLRAVELGCTGHWELLNLPGAPESSLPHGLPPCAPDLQQEAEQLFLSSPAWLPLHGVEHSARK
WQRKTDPWSLLAVLGAPVPSDLQAQRHPTTGQILGYKEVLLENTNLSATTSLSLRRPPGPASQSLWGNPTQYPFWPGGMD
EPTITDLNTREEAEEEIDFEKDLLTIPPGFKKGMDFAPKDCPTPAPGLLSLSCMLEPLDLGGGDEDENEAVGQPGGPRGD
TVSASPCSAPLARASSLEDLVLKEASTAVSTPEAPEPPSQEQWAIPVDATSPVGDFYRLIPQPAFQWAFEPDVFQKQAIL
HLERHDSVFVAAHTSAGKTVVAEYAIALAQKHMTRTIYTSPIKALSNQKFRDFRNTFGDVGLLTGDVQLHPEASCLIMTT
EILRSMLYSGSDVIRDLEWVIFDEVHYINDVERGVVWEEVLIMLPDHVSIILLSATVPNALEFADWIGRLKRRQIYVIST
VTRPVPLEHYLFTGNSSKTQGELFLLLDSRGAFHTKGYYAAVEAKKERMSKHAQTFGAKQPTHQGGPAQDRGVYLSLLAS
LRTRAQLPVVVFTFSRGRCDEQASGLTSLDLTTSSEKSEIHLFLQRCLARLRGSDRQLPQVLHMSELLNRGLGVHHSGIL
PILKEIVEMLFSRGLVKVLFATETFAMGVNMPARTVVFDSMRKHDGSTFRDLLPGEYVQMAGRAGRRGLDPTGTVILLCK
GRVPEMADLHRMMMGKPSQLQSQFRLTYTMILNLLRVDALRVEDMMKRSFSEFPSRKDSKAHEQALAELTKRLGALEEPD
MTGQLVDLPEYYSWGEELTETQHMIQRRIMESVNGLKSLSAGRVVVVKNQEHHNALGVILQVSSNSTSRVFTTLVLCDKP
LSQDPQDRGPATAEVPYPDDLVGFKLFLPEGPCDHTVVKLQPGDMAAITTKVLRVNGEKILEDFSKRQQPKFKKDPPLAA
VTTAVQELLRLAQAHPAGPPTLDPVNDLQLKDMSVVEGGLRARKLEELIQGAQCVHSPRFPAQYLKLRERMQIQKEMERL
RFLLSDQSLLLLPEYHQRVEVLRTLGYVDEAGTVKLAGRVACAMSSHELLLTELMFDNALSTLRPEEIAALLSGLVCQSP
GDAGDQLPNTLKQGIERVRAVAKRIGEVQVACGLNQTVEEFVGELNFGLVEVVYEWARGMPFSELAGLSGTPEGLVVRCI
QRLAEMCRSLRGAARLVGEPVLGAKMETAATLLRRDIVFAASLYTQ
;
A
2 'polyribonucleotide' UUUUUUUUU E
#
# COMPACT_ATOMS: atom_id res chain seq x y z
N GLN A 282 -19.63 -11.28 14.88
CA GLN A 282 -18.53 -11.78 14.07
C GLN A 282 -18.21 -10.85 12.92
N TRP A 283 -19.26 -10.43 12.20
CA TRP A 283 -19.23 -9.42 11.15
C TRP A 283 -18.47 -9.83 9.90
N ALA A 284 -17.89 -11.03 9.85
CA ALA A 284 -17.20 -11.49 8.65
C ALA A 284 -17.17 -13.01 8.64
N ILE A 285 -17.95 -13.63 7.76
CA ILE A 285 -18.15 -15.07 7.76
C ILE A 285 -17.26 -15.66 6.67
N PRO A 286 -16.23 -16.41 7.01
CA PRO A 286 -15.34 -17.00 5.99
C PRO A 286 -15.89 -18.32 5.46
N VAL A 287 -16.87 -18.22 4.55
CA VAL A 287 -17.54 -19.40 4.06
C VAL A 287 -16.54 -20.31 3.33
N ASP A 288 -16.60 -21.60 3.63
CA ASP A 288 -15.68 -22.55 3.03
C ASP A 288 -15.87 -22.63 1.53
N ALA A 289 -14.74 -22.66 0.81
CA ALA A 289 -14.79 -22.63 -0.64
C ALA A 289 -15.38 -23.91 -1.21
N THR A 290 -15.01 -25.06 -0.64
CA THR A 290 -15.17 -26.35 -1.31
C THR A 290 -16.10 -27.31 -0.60
N SER A 291 -16.19 -27.25 0.73
CA SER A 291 -16.91 -28.29 1.46
C SER A 291 -18.43 -28.16 1.36
N PRO A 292 -19.03 -26.99 1.61
CA PRO A 292 -20.46 -27.00 1.99
C PRO A 292 -21.38 -27.49 0.88
N VAL A 293 -21.25 -26.95 -0.32
CA VAL A 293 -22.32 -27.08 -1.31
C VAL A 293 -22.37 -28.51 -1.83
N GLY A 294 -23.52 -29.15 -1.69
CA GLY A 294 -23.77 -30.43 -2.31
C GLY A 294 -24.98 -30.42 -3.20
N ASP A 295 -25.90 -29.49 -2.92
CA ASP A 295 -27.22 -29.42 -3.56
C ASP A 295 -27.42 -28.03 -4.15
N PHE A 296 -27.00 -27.86 -5.41
CA PHE A 296 -27.17 -26.58 -6.07
C PHE A 296 -28.48 -26.45 -6.83
N TYR A 297 -29.13 -27.57 -7.16
CA TYR A 297 -30.35 -27.52 -7.96
C TYR A 297 -31.59 -27.96 -7.22
N ARG A 298 -31.45 -28.62 -6.06
CA ARG A 298 -32.62 -28.92 -5.24
C ARG A 298 -33.34 -27.64 -4.84
N LEU A 299 -32.59 -26.68 -4.30
CA LEU A 299 -33.07 -25.31 -4.17
C LEU A 299 -32.48 -24.45 -5.28
N ILE A 300 -33.14 -23.33 -5.53
CA ILE A 300 -32.90 -22.51 -6.71
C ILE A 300 -33.00 -23.41 -7.94
N PRO A 301 -34.18 -23.88 -8.30
CA PRO A 301 -34.33 -24.68 -9.51
C PRO A 301 -34.55 -23.85 -10.76
N GLN A 302 -34.80 -22.55 -10.61
CA GLN A 302 -35.10 -21.65 -11.73
C GLN A 302 -34.07 -20.52 -11.62
N PRO A 303 -32.83 -20.77 -12.05
CA PRO A 303 -31.80 -19.74 -11.96
C PRO A 303 -32.17 -18.56 -12.85
N ALA A 304 -31.78 -17.36 -12.40
CA ALA A 304 -32.18 -16.19 -13.19
C ALA A 304 -31.44 -16.10 -14.50
N PHE A 305 -30.36 -16.87 -14.67
CA PHE A 305 -29.62 -16.87 -15.92
C PHE A 305 -29.09 -18.28 -16.11
N GLN A 306 -29.06 -18.75 -17.35
CA GLN A 306 -28.65 -20.11 -17.68
C GLN A 306 -27.52 -20.07 -18.69
N TRP A 307 -26.43 -20.75 -18.38
CA TRP A 307 -25.23 -20.69 -19.21
C TRP A 307 -25.31 -21.81 -20.24
N ALA A 308 -24.22 -22.04 -20.95
CA ALA A 308 -24.14 -23.18 -21.85
C ALA A 308 -23.26 -24.31 -21.31
N PHE A 309 -22.98 -24.31 -20.01
CA PHE A 309 -22.08 -25.29 -19.40
C PHE A 309 -22.36 -25.26 -17.91
N GLU A 310 -21.53 -25.93 -17.12
CA GLU A 310 -21.81 -25.99 -15.70
C GLU A 310 -20.91 -25.08 -14.87
N PRO A 311 -21.48 -24.25 -14.01
CA PRO A 311 -20.67 -23.41 -13.12
C PRO A 311 -20.06 -24.27 -12.02
N ASP A 312 -18.78 -24.08 -11.76
CA ASP A 312 -18.06 -24.90 -10.80
C ASP A 312 -18.43 -24.47 -9.37
N VAL A 313 -17.72 -25.03 -8.39
CA VAL A 313 -18.20 -25.01 -7.01
C VAL A 313 -18.21 -23.60 -6.44
N PHE A 314 -17.13 -22.84 -6.61
CA PHE A 314 -17.10 -21.53 -5.96
C PHE A 314 -18.06 -20.56 -6.61
N GLN A 315 -18.25 -20.65 -7.93
CA GLN A 315 -19.27 -19.82 -8.55
C GLN A 315 -20.67 -20.25 -8.13
N LYS A 316 -20.86 -21.55 -7.87
CA LYS A 316 -22.13 -22.02 -7.34
C LYS A 316 -22.39 -21.45 -5.95
N GLN A 317 -21.35 -21.38 -5.12
CA GLN A 317 -21.54 -20.85 -3.78
C GLN A 317 -21.78 -19.34 -3.82
N ALA A 318 -21.08 -18.65 -4.72
CA ALA A 318 -21.29 -17.21 -4.83
C ALA A 318 -22.70 -16.90 -5.30
N ILE A 319 -23.22 -17.70 -6.22
CA ILE A 319 -24.61 -17.49 -6.64
C ILE A 319 -25.57 -17.91 -5.54
N LEU A 320 -25.22 -18.95 -4.78
CA LEU A 320 -26.05 -19.39 -3.67
C LEU A 320 -26.20 -18.31 -2.61
N HIS A 321 -25.16 -17.50 -2.43
CA HIS A 321 -25.25 -16.40 -1.49
C HIS A 321 -25.84 -15.15 -2.13
N LEU A 322 -25.74 -15.03 -3.45
CA LEU A 322 -26.39 -13.93 -4.15
C LEU A 322 -27.90 -14.14 -4.22
N GLU A 323 -28.37 -15.37 -4.02
CA GLU A 323 -29.80 -15.64 -4.04
C GLU A 323 -30.47 -15.05 -2.81
N ARG A 324 -29.83 -15.16 -1.65
CA ARG A 324 -30.40 -14.73 -0.39
C ARG A 324 -30.16 -13.26 -0.12
N HIS A 325 -29.66 -12.52 -1.11
CA HIS A 325 -29.36 -11.10 -0.98
C HIS A 325 -28.33 -10.84 0.11
N ASP A 326 -27.22 -11.57 0.02
CA ASP A 326 -26.03 -11.31 0.83
C ASP A 326 -25.05 -10.45 0.03
N SER A 327 -23.85 -10.25 0.59
CA SER A 327 -22.82 -9.40 -0.01
C SER A 327 -21.51 -10.19 -0.03
N VAL A 328 -21.29 -10.93 -1.12
CA VAL A 328 -20.10 -11.77 -1.22
C VAL A 328 -18.86 -10.89 -1.43
N PHE A 329 -17.68 -11.49 -1.18
CA PHE A 329 -16.39 -10.89 -1.53
C PHE A 329 -15.58 -11.93 -2.29
N VAL A 330 -15.83 -12.04 -3.60
CA VAL A 330 -15.10 -13.01 -4.42
C VAL A 330 -13.65 -12.60 -4.55
N ALA A 331 -12.75 -13.57 -4.47
CA ALA A 331 -11.31 -13.34 -4.68
C ALA A 331 -10.79 -14.47 -5.58
N ALA A 332 -10.88 -14.27 -6.89
CA ALA A 332 -10.49 -15.31 -7.85
C ALA A 332 -9.29 -14.87 -8.68
N HIS A 333 -8.85 -15.77 -9.56
CA HIS A 333 -7.72 -15.52 -10.43
C HIS A 333 -8.15 -14.99 -11.80
N THR A 334 -8.99 -15.74 -12.51
CA THR A 334 -9.25 -15.46 -13.91
C THR A 334 -10.47 -14.55 -14.06
N SER A 335 -10.37 -13.64 -15.03
CA SER A 335 -11.38 -12.61 -15.22
C SER A 335 -12.73 -13.16 -15.67
N ALA A 336 -12.73 -14.32 -16.32
CA ALA A 336 -13.98 -14.92 -16.80
C ALA A 336 -14.69 -15.77 -15.76
N GLY A 337 -14.14 -15.86 -14.55
CA GLY A 337 -14.82 -16.61 -13.52
C GLY A 337 -15.66 -15.71 -12.63
N LYS A 338 -15.26 -14.45 -12.55
CA LYS A 338 -16.00 -13.48 -11.76
C LYS A 338 -17.24 -12.95 -12.48
N THR A 339 -17.18 -12.80 -13.80
CA THR A 339 -18.29 -12.17 -14.48
C THR A 339 -19.51 -13.06 -14.58
N VAL A 340 -19.41 -14.34 -14.22
CA VAL A 340 -20.63 -15.13 -14.12
C VAL A 340 -21.48 -14.63 -12.98
N VAL A 341 -20.86 -14.29 -11.85
CA VAL A 341 -21.59 -13.67 -10.76
C VAL A 341 -21.95 -12.25 -11.13
N ALA A 342 -21.04 -11.55 -11.81
CA ALA A 342 -21.26 -10.14 -12.10
C ALA A 342 -22.40 -9.95 -13.09
N GLU A 343 -22.82 -11.00 -13.79
CA GLU A 343 -24.01 -10.92 -14.61
C GLU A 343 -25.20 -11.73 -14.10
N TYR A 344 -24.98 -12.67 -13.17
CA TYR A 344 -26.16 -13.22 -12.51
C TYR A 344 -26.79 -12.19 -11.60
N ALA A 345 -25.98 -11.33 -10.98
CA ALA A 345 -26.56 -10.30 -10.13
C ALA A 345 -27.36 -9.31 -10.95
N ILE A 346 -26.97 -9.10 -12.21
CA ILE A 346 -27.75 -8.19 -13.04
C ILE A 346 -28.97 -8.89 -13.61
N ALA A 347 -28.91 -10.21 -13.81
CA ALA A 347 -30.12 -10.90 -14.21
C ALA A 347 -31.16 -10.80 -13.10
N LEU A 348 -30.72 -10.92 -11.85
CA LEU A 348 -31.63 -10.68 -10.73
C LEU A 348 -32.08 -9.22 -10.67
N ALA A 349 -31.18 -8.28 -10.99
CA ALA A 349 -31.54 -6.87 -10.95
C ALA A 349 -32.59 -6.53 -12.00
N GLN A 350 -32.44 -7.08 -13.20
CA GLN A 350 -33.41 -6.87 -14.27
C GLN A 350 -34.69 -7.64 -14.02
N LYS A 351 -34.63 -8.70 -13.22
CA LYS A 351 -35.85 -9.45 -12.93
C LYS A 351 -36.74 -8.66 -11.98
N HIS A 352 -36.15 -7.94 -11.05
CA HIS A 352 -36.88 -7.18 -10.05
C HIS A 352 -37.20 -5.75 -10.45
N MET A 353 -36.81 -5.30 -11.65
CA MET A 353 -36.97 -3.92 -12.12
C MET A 353 -36.01 -2.94 -11.44
N THR A 354 -35.14 -3.41 -10.55
CA THR A 354 -34.26 -2.52 -9.80
C THR A 354 -33.07 -2.08 -10.64
N ARG A 355 -32.07 -1.47 -10.00
CA ARG A 355 -30.95 -0.88 -10.69
C ARG A 355 -29.64 -1.33 -10.05
N THR A 356 -28.58 -1.35 -10.87
CA THR A 356 -27.26 -1.80 -10.44
C THR A 356 -26.18 -0.96 -11.09
N ILE A 357 -25.13 -0.66 -10.33
CA ILE A 357 -24.04 0.19 -10.79
C ILE A 357 -22.76 -0.64 -10.83
N TYR A 358 -22.21 -0.80 -12.03
CA TYR A 358 -20.98 -1.55 -12.25
C TYR A 358 -19.83 -0.56 -12.44
N THR A 359 -18.83 -0.65 -11.58
CA THR A 359 -17.76 0.35 -11.55
C THR A 359 -16.41 -0.32 -11.76
N SER A 360 -15.71 0.11 -12.81
CA SER A 360 -14.38 -0.37 -13.14
C SER A 360 -13.41 0.81 -13.21
N PRO A 361 -12.15 0.62 -12.79
CA PRO A 361 -11.27 1.80 -12.66
C PRO A 361 -10.78 2.33 -14.00
N ILE A 362 -10.52 1.45 -14.96
CA ILE A 362 -9.91 1.84 -16.23
C ILE A 362 -11.01 2.29 -17.17
N LYS A 363 -10.79 3.43 -17.84
CA LYS A 363 -11.82 3.95 -18.73
C LYS A 363 -11.99 3.06 -19.95
N ALA A 364 -10.92 2.44 -20.42
CA ALA A 364 -11.01 1.58 -21.60
C ALA A 364 -11.46 0.17 -21.27
N LEU A 365 -11.31 -0.26 -20.01
CA LEU A 365 -11.78 -1.59 -19.64
C LEU A 365 -13.30 -1.64 -19.52
N SER A 366 -13.92 -0.50 -19.23
CA SER A 366 -15.36 -0.44 -19.02
C SER A 366 -16.14 -0.16 -20.30
N ASN A 367 -15.57 -0.47 -21.46
CA ASN A 367 -16.28 -0.41 -22.73
C ASN A 367 -16.57 -1.79 -23.30
N GLN A 368 -15.61 -2.72 -23.27
CA GLN A 368 -15.94 -4.07 -23.76
C GLN A 368 -16.97 -4.72 -22.86
N LYS A 369 -16.94 -4.39 -21.57
CA LYS A 369 -17.99 -4.85 -20.67
C LYS A 369 -19.33 -4.24 -21.07
N PHE A 370 -19.32 -2.97 -21.49
CA PHE A 370 -20.52 -2.32 -21.99
C PHE A 370 -21.06 -3.05 -23.21
N ARG A 371 -20.16 -3.42 -24.12
CA ARG A 371 -20.59 -4.12 -25.34
C ARG A 371 -21.18 -5.48 -24.99
N ASP A 372 -20.54 -6.21 -24.08
CA ASP A 372 -21.01 -7.54 -23.79
C ASP A 372 -22.32 -7.51 -23.01
N PHE A 373 -22.54 -6.46 -22.22
CA PHE A 373 -23.81 -6.37 -21.50
C PHE A 373 -24.93 -5.83 -22.38
N ARG A 374 -24.61 -5.03 -23.40
CA ARG A 374 -25.64 -4.65 -24.35
C ARG A 374 -25.99 -5.79 -25.30
N ASN A 375 -25.00 -6.61 -25.64
CA ASN A 375 -25.28 -7.76 -26.49
C ASN A 375 -26.02 -8.84 -25.73
N THR A 376 -25.73 -8.99 -24.44
CA THR A 376 -26.33 -10.09 -23.70
C THR A 376 -27.78 -9.80 -23.31
N PHE A 377 -28.09 -8.56 -22.91
CA PHE A 377 -29.45 -8.21 -22.56
C PHE A 377 -29.68 -6.71 -22.59
N GLY A 378 -30.71 -6.29 -23.32
CA GLY A 378 -31.35 -4.99 -23.19
C GLY A 378 -30.50 -3.75 -23.01
N ASP A 379 -30.93 -2.89 -22.09
CA ASP A 379 -30.42 -1.53 -21.95
C ASP A 379 -29.33 -1.48 -20.90
N VAL A 380 -28.15 -0.97 -21.28
CA VAL A 380 -27.04 -0.78 -20.36
C VAL A 380 -26.39 0.57 -20.65
N GLY A 381 -26.65 1.57 -19.83
CA GLY A 381 -26.05 2.87 -20.05
C GLY A 381 -24.59 2.90 -19.60
N LEU A 382 -23.82 3.79 -20.24
CA LEU A 382 -22.43 3.99 -19.89
C LEU A 382 -22.13 5.46 -19.63
N LEU A 383 -21.40 5.73 -18.55
CA LEU A 383 -20.97 7.08 -18.21
C LEU A 383 -19.47 7.05 -17.98
N THR A 384 -18.76 7.97 -18.63
CA THR A 384 -17.33 8.14 -18.46
C THR A 384 -17.04 9.63 -18.56
N GLY A 385 -15.76 9.96 -18.70
CA GLY A 385 -15.36 11.36 -18.75
C GLY A 385 -16.09 12.13 -19.83
N ASP A 386 -16.34 11.49 -20.97
CA ASP A 386 -17.08 12.18 -22.01
C ASP A 386 -18.31 11.43 -22.49
N VAL A 387 -18.26 10.10 -22.56
CA VAL A 387 -19.43 9.36 -23.03
C VAL A 387 -20.55 9.43 -22.00
N GLN A 388 -21.78 9.62 -22.47
CA GLN A 388 -22.96 9.61 -21.63
C GLN A 388 -24.06 8.77 -22.27
N LEU A 389 -23.69 7.62 -22.83
CA LEU A 389 -24.65 6.77 -23.51
C LEU A 389 -25.78 6.33 -22.61
N HIS A 390 -27.00 6.76 -22.90
CA HIS A 390 -28.23 6.35 -22.23
C HIS A 390 -28.13 6.42 -20.70
N PRO A 391 -28.09 7.62 -20.12
CA PRO A 391 -28.07 7.73 -18.66
C PRO A 391 -29.45 7.55 -18.01
N GLU A 392 -30.17 6.52 -18.46
CA GLU A 392 -31.45 6.18 -17.85
C GLU A 392 -31.67 4.69 -17.69
N ALA A 393 -30.69 3.85 -18.03
CA ALA A 393 -30.85 2.41 -18.02
C ALA A 393 -30.71 1.89 -16.59
N SER A 394 -30.61 0.57 -16.44
CA SER A 394 -30.52 -0.04 -15.12
C SER A 394 -29.21 -0.78 -14.94
N CYS A 395 -28.22 -0.51 -15.78
CA CYS A 395 -26.87 -1.06 -15.65
C CYS A 395 -25.82 0.00 -15.93
N LEU A 396 -26.01 1.20 -15.39
CA LEU A 396 -25.06 2.27 -15.69
C LEU A 396 -23.65 1.78 -15.38
N ILE A 397 -22.74 1.96 -16.33
CA ILE A 397 -21.37 1.53 -16.14
C ILE A 397 -20.53 2.77 -15.96
N MET A 398 -19.81 2.83 -14.85
CA MET A 398 -19.22 4.08 -14.40
C MET A 398 -17.80 3.83 -13.91
N THR A 399 -17.03 4.90 -13.84
CA THR A 399 -15.78 4.89 -13.10
C THR A 399 -16.02 5.50 -11.72
N THR A 400 -15.40 4.90 -10.70
CA THR A 400 -15.72 5.24 -9.32
C THR A 400 -15.53 6.72 -9.02
N GLU A 401 -14.67 7.41 -9.77
CA GLU A 401 -14.48 8.84 -9.56
C GLU A 401 -15.71 9.65 -9.94
N ILE A 402 -16.66 9.05 -10.64
CA ILE A 402 -17.93 9.72 -10.94
C ILE A 402 -18.97 9.39 -9.89
N LEU A 403 -18.95 8.17 -9.35
CA LEU A 403 -19.87 7.83 -8.29
C LEU A 403 -19.52 8.60 -7.02
N ARG A 404 -18.23 8.85 -6.81
CA ARG A 404 -17.83 9.70 -5.70
C ARG A 404 -18.28 11.14 -5.91
N SER A 405 -18.52 11.53 -7.16
CA SER A 405 -18.97 12.88 -7.47
C SER A 405 -20.49 13.01 -7.41
N MET A 406 -21.21 11.91 -7.62
CA MET A 406 -22.66 11.89 -7.50
C MET A 406 -23.12 11.30 -6.18
N LEU A 407 -22.20 11.04 -5.26
CA LEU A 407 -22.58 10.81 -3.87
C LEU A 407 -22.63 12.09 -3.07
N TYR A 408 -21.84 13.09 -3.45
CA TYR A 408 -21.83 14.35 -2.72
C TYR A 408 -23.14 15.09 -2.91
N SER A 409 -23.71 15.04 -4.12
CA SER A 409 -25.10 15.41 -4.32
C SER A 409 -25.98 14.17 -4.25
N GLY A 410 -27.28 14.38 -4.42
CA GLY A 410 -28.23 13.29 -4.34
C GLY A 410 -28.22 12.46 -5.60
N SER A 411 -28.50 13.13 -6.72
CA SER A 411 -28.45 12.60 -8.08
C SER A 411 -29.62 11.66 -8.35
N ASP A 412 -30.41 11.36 -7.31
CA ASP A 412 -31.74 10.79 -7.44
C ASP A 412 -31.73 9.43 -8.13
N VAL A 413 -30.54 8.93 -8.45
CA VAL A 413 -30.40 7.56 -8.91
C VAL A 413 -30.19 6.60 -7.73
N ILE A 414 -29.48 7.07 -6.71
CA ILE A 414 -29.17 6.28 -5.53
C ILE A 414 -30.41 5.77 -4.79
N ARG A 415 -31.58 6.33 -5.08
CA ARG A 415 -32.81 5.84 -4.46
C ARG A 415 -33.25 4.48 -4.97
N ASP A 416 -32.66 3.96 -6.05
CA ASP A 416 -33.20 2.78 -6.72
C ASP A 416 -32.22 1.62 -6.82
N LEU A 417 -31.06 1.71 -6.17
CA LEU A 417 -30.06 0.67 -6.34
C LEU A 417 -30.41 -0.58 -5.55
N GLU A 418 -29.92 -1.71 -6.04
CA GLU A 418 -29.82 -2.91 -5.23
C GLU A 418 -28.38 -3.35 -5.04
N TRP A 419 -27.62 -3.50 -6.13
CA TRP A 419 -26.26 -4.00 -6.09
C TRP A 419 -25.30 -2.96 -6.63
N VAL A 420 -24.12 -2.87 -6.03
CA VAL A 420 -23.01 -2.11 -6.58
C VAL A 420 -21.83 -3.04 -6.76
N ILE A 421 -21.49 -3.33 -8.01
CA ILE A 421 -20.49 -4.35 -8.34
C ILE A 421 -19.14 -3.66 -8.48
N PHE A 422 -18.43 -3.50 -7.37
CA PHE A 422 -17.07 -3.01 -7.44
C PHE A 422 -16.20 -4.03 -8.16
N ASP A 423 -15.66 -3.65 -9.31
CA ASP A 423 -15.08 -4.65 -10.20
C ASP A 423 -13.67 -5.03 -9.78
N GLU A 424 -12.74 -4.07 -9.76
CA GLU A 424 -11.34 -4.36 -9.51
C GLU A 424 -10.91 -3.65 -8.23
N VAL A 425 -11.07 -4.33 -7.09
CA VAL A 425 -10.99 -3.64 -5.81
C VAL A 425 -9.58 -3.67 -5.24
N HIS A 426 -8.61 -4.16 -6.01
CA HIS A 426 -7.23 -4.14 -5.57
C HIS A 426 -6.47 -2.91 -6.06
N TYR A 427 -7.19 -1.88 -6.49
CA TYR A 427 -6.59 -0.59 -6.76
C TYR A 427 -6.55 0.29 -5.53
N ILE A 428 -7.02 -0.19 -4.37
CA ILE A 428 -6.85 0.57 -3.15
C ILE A 428 -5.36 0.70 -2.83
N ASN A 429 -4.56 -0.29 -3.21
CA ASN A 429 -3.13 -0.25 -2.95
C ASN A 429 -2.41 0.80 -3.78
N ASP A 430 -3.09 1.41 -4.74
CA ASP A 430 -2.50 2.49 -5.51
C ASP A 430 -2.24 3.69 -4.62
N VAL A 431 -1.31 4.54 -5.04
CA VAL A 431 -0.92 5.69 -4.25
C VAL A 431 -1.68 6.95 -4.64
N GLU A 432 -2.27 6.98 -5.84
CA GLU A 432 -2.91 8.18 -6.34
C GLU A 432 -4.40 8.01 -6.53
N ARG A 433 -4.94 6.79 -6.39
CA ARG A 433 -6.37 6.56 -6.51
C ARG A 433 -6.94 5.67 -5.41
N GLY A 434 -6.13 5.26 -4.43
CA GLY A 434 -6.68 4.38 -3.41
C GLY A 434 -7.59 5.08 -2.44
N VAL A 435 -7.57 6.42 -2.40
CA VAL A 435 -8.45 7.15 -1.51
C VAL A 435 -9.88 7.22 -2.03
N VAL A 436 -10.09 7.03 -3.34
CA VAL A 436 -11.44 7.11 -3.88
C VAL A 436 -12.29 5.94 -3.40
N TRP A 437 -11.73 4.73 -3.41
CA TRP A 437 -12.53 3.57 -3.00
C TRP A 437 -12.91 3.65 -1.53
N GLU A 438 -12.11 4.33 -0.72
CA GLU A 438 -12.40 4.42 0.71
C GLU A 438 -13.22 5.63 1.05
N GLU A 439 -13.22 6.64 0.17
CA GLU A 439 -14.19 7.72 0.27
C GLU A 439 -15.56 7.26 -0.18
N VAL A 440 -15.63 6.28 -1.08
CA VAL A 440 -16.90 5.77 -1.56
C VAL A 440 -17.49 4.75 -0.60
N LEU A 441 -16.67 3.80 -0.15
CA LEU A 441 -17.15 2.68 0.66
C LEU A 441 -17.67 3.11 2.02
N ILE A 442 -17.41 4.33 2.46
CA ILE A 442 -17.95 4.79 3.74
C ILE A 442 -19.31 5.44 3.57
N MET A 443 -19.51 6.28 2.56
CA MET A 443 -20.74 7.05 2.48
C MET A 443 -21.91 6.26 1.94
N LEU A 444 -21.69 5.05 1.45
CA LEU A 444 -22.76 4.26 0.86
C LEU A 444 -23.78 3.92 1.95
N PRO A 445 -25.07 4.17 1.73
CA PRO A 445 -26.08 3.80 2.73
C PRO A 445 -26.17 2.30 2.97
N ASP A 446 -26.95 1.94 3.98
CA ASP A 446 -26.96 0.57 4.48
C ASP A 446 -27.75 -0.39 3.61
N HIS A 447 -28.78 0.11 2.92
CA HIS A 447 -29.68 -0.76 2.16
C HIS A 447 -29.14 -1.16 0.80
N VAL A 448 -27.93 -0.75 0.44
CA VAL A 448 -27.38 -0.95 -0.90
C VAL A 448 -26.34 -2.06 -0.76
N SER A 449 -26.62 -3.22 -1.33
CA SER A 449 -25.68 -4.32 -1.25
C SER A 449 -24.46 -4.10 -2.16
N ILE A 450 -23.36 -4.73 -1.77
CA ILE A 450 -22.04 -4.54 -2.38
C ILE A 450 -21.54 -5.89 -2.85
N ILE A 451 -20.94 -5.92 -4.03
CA ILE A 451 -20.23 -7.11 -4.51
C ILE A 451 -18.80 -6.69 -4.82
N LEU A 452 -17.83 -7.41 -4.26
CA LEU A 452 -16.43 -7.04 -4.37
C LEU A 452 -15.66 -8.14 -5.09
N LEU A 453 -15.46 -7.98 -6.39
CA LEU A 453 -14.57 -8.86 -7.12
C LEU A 453 -13.13 -8.45 -6.86
N SER A 454 -12.23 -9.44 -6.82
CA SER A 454 -10.86 -9.20 -6.39
C SER A 454 -9.92 -10.06 -7.21
N ALA A 455 -8.67 -10.14 -6.77
CA ALA A 455 -7.62 -10.87 -7.47
C ALA A 455 -6.79 -11.70 -6.49
N THR A 456 -7.47 -12.38 -5.55
CA THR A 456 -6.86 -13.37 -4.66
C THR A 456 -5.72 -12.75 -3.83
N VAL A 457 -6.08 -11.80 -2.99
CA VAL A 457 -5.13 -11.26 -2.03
C VAL A 457 -5.16 -12.06 -0.73
N PRO A 458 -4.05 -12.11 0.02
CA PRO A 458 -4.00 -12.91 1.26
C PRO A 458 -4.89 -12.43 2.39
N ASN A 459 -4.83 -11.14 2.72
CA ASN A 459 -5.48 -10.64 3.93
C ASN A 459 -6.90 -10.18 3.65
N ALA A 460 -7.70 -11.13 3.17
CA ALA A 460 -9.10 -10.87 2.89
C ALA A 460 -9.99 -10.82 4.12
N LEU A 461 -9.55 -11.36 5.25
CA LEU A 461 -10.43 -11.41 6.42
C LEU A 461 -10.32 -10.22 7.36
N GLU A 462 -9.30 -9.38 7.24
CA GLU A 462 -9.27 -8.14 8.01
C GLU A 462 -9.75 -6.96 7.19
N PHE A 463 -10.18 -7.18 5.95
CA PHE A 463 -10.78 -6.15 5.12
C PHE A 463 -12.28 -6.37 4.99
N ALA A 464 -12.69 -7.60 4.69
CA ALA A 464 -14.11 -7.90 4.70
C ALA A 464 -14.70 -7.76 6.09
N ASP A 465 -13.88 -7.94 7.13
CA ASP A 465 -14.38 -7.66 8.48
C ASP A 465 -14.57 -6.16 8.68
N TRP A 466 -13.70 -5.35 8.07
CA TRP A 466 -13.85 -3.91 8.18
C TRP A 466 -15.12 -3.46 7.48
N ILE A 467 -15.39 -3.99 6.29
CA ILE A 467 -16.62 -3.60 5.61
C ILE A 467 -17.84 -4.22 6.29
N GLY A 468 -17.67 -5.36 6.96
CA GLY A 468 -18.79 -5.97 7.64
C GLY A 468 -19.23 -5.22 8.88
N ARG A 469 -18.28 -4.67 9.63
CA ARG A 469 -18.62 -3.95 10.84
C ARG A 469 -18.58 -2.44 10.68
N LEU A 470 -18.22 -1.94 9.50
CA LEU A 470 -18.45 -0.53 9.21
C LEU A 470 -19.93 -0.30 8.90
N LYS A 471 -20.47 -1.13 8.02
CA LYS A 471 -21.91 -1.35 7.94
C LYS A 471 -22.30 -2.32 9.05
N ARG A 472 -23.53 -2.84 8.99
CA ARG A 472 -23.98 -3.83 9.96
C ARG A 472 -24.59 -5.03 9.23
N ARG A 473 -23.89 -5.48 8.20
CA ARG A 473 -24.29 -6.66 7.45
C ARG A 473 -23.13 -7.66 7.45
N GLN A 474 -23.49 -8.94 7.45
CA GLN A 474 -22.48 -10.00 7.42
C GLN A 474 -21.96 -10.18 6.00
N ILE A 475 -20.65 -10.37 5.86
CA ILE A 475 -20.00 -10.47 4.57
C ILE A 475 -19.35 -11.84 4.43
N TYR A 476 -19.61 -12.51 3.32
CA TYR A 476 -19.10 -13.86 3.06
C TYR A 476 -17.89 -13.76 2.15
N VAL A 477 -16.81 -14.43 2.54
CA VAL A 477 -15.56 -14.40 1.79
C VAL A 477 -15.38 -15.71 1.05
N ILE A 478 -15.20 -15.62 -0.27
CA ILE A 478 -14.92 -16.79 -1.11
C ILE A 478 -13.59 -16.54 -1.80
N SER A 479 -12.65 -17.47 -1.64
CA SER A 479 -11.34 -17.34 -2.24
C SER A 479 -11.00 -18.66 -2.91
N THR A 480 -10.43 -18.58 -4.11
CA THR A 480 -10.13 -19.77 -4.88
C THR A 480 -8.67 -19.77 -5.31
N VAL A 481 -8.23 -20.94 -5.77
CA VAL A 481 -6.92 -21.17 -6.34
C VAL A 481 -7.10 -22.11 -7.53
N THR A 482 -5.98 -22.45 -8.16
CA THR A 482 -5.93 -23.49 -9.20
C THR A 482 -6.87 -23.17 -10.36
N ARG A 483 -6.56 -22.08 -11.05
CA ARG A 483 -7.27 -21.73 -12.26
C ARG A 483 -7.20 -22.91 -13.24
N PRO A 484 -8.24 -23.11 -14.04
CA PRO A 484 -8.20 -24.20 -15.02
C PRO A 484 -7.10 -23.95 -16.05
N VAL A 485 -6.86 -24.99 -16.86
CA VAL A 485 -5.82 -25.02 -17.90
C VAL A 485 -4.52 -24.46 -17.32
N PRO A 486 -3.87 -25.19 -16.42
CA PRO A 486 -2.67 -24.66 -15.74
C PRO A 486 -1.56 -24.34 -16.73
N LEU A 487 -0.52 -23.71 -16.22
CA LEU A 487 0.50 -23.12 -17.07
C LEU A 487 1.91 -23.56 -16.67
N GLU A 488 2.71 -23.88 -17.68
CA GLU A 488 4.09 -24.28 -17.51
C GLU A 488 4.99 -23.09 -17.82
N HIS A 489 5.75 -22.65 -16.83
CA HIS A 489 6.67 -21.53 -17.00
C HIS A 489 8.00 -22.06 -17.50
N TYR A 490 8.29 -21.82 -18.77
CA TYR A 490 9.55 -22.25 -19.38
C TYR A 490 10.57 -21.12 -19.28
N LEU A 491 11.73 -21.33 -19.90
CA LEU A 491 12.76 -20.32 -20.01
C LEU A 491 13.53 -20.56 -21.30
N PHE A 492 13.57 -19.55 -22.16
CA PHE A 492 14.23 -19.66 -23.46
C PHE A 492 15.50 -18.81 -23.42
N THR A 493 16.64 -19.47 -23.58
CA THR A 493 17.93 -18.79 -23.65
C THR A 493 18.53 -19.02 -25.02
N GLY A 494 19.00 -17.95 -25.66
CA GLY A 494 19.42 -18.04 -27.04
C GLY A 494 20.59 -18.99 -27.19
N ASN A 495 20.58 -19.73 -28.30
CA ASN A 495 21.68 -20.59 -28.76
C ASN A 495 21.38 -20.96 -30.20
N SER A 496 22.40 -20.88 -31.05
CA SER A 496 22.27 -21.21 -32.46
C SER A 496 21.03 -20.54 -33.04
N SER A 497 21.05 -19.20 -33.00
CA SER A 497 19.88 -18.39 -33.29
C SER A 497 19.26 -18.70 -34.65
N LYS A 498 19.99 -19.39 -35.52
CA LYS A 498 19.44 -19.69 -36.85
C LYS A 498 18.23 -20.61 -36.76
N THR A 499 18.41 -21.80 -36.22
CA THR A 499 17.26 -22.72 -36.08
C THR A 499 17.08 -23.27 -34.68
N GLN A 500 18.16 -23.56 -33.97
CA GLN A 500 18.07 -24.31 -32.71
C GLN A 500 17.41 -23.48 -31.61
N GLY A 501 16.35 -24.03 -31.03
CA GLY A 501 15.74 -23.46 -29.84
C GLY A 501 15.58 -24.46 -28.71
N GLU A 502 16.18 -24.18 -27.56
CA GLU A 502 16.10 -25.02 -26.38
C GLU A 502 15.33 -24.31 -25.28
N LEU A 503 14.34 -24.99 -24.72
CA LEU A 503 13.52 -24.47 -23.63
C LEU A 503 13.78 -25.27 -22.36
N PHE A 504 14.12 -24.57 -21.29
CA PHE A 504 14.36 -25.17 -19.98
C PHE A 504 13.14 -25.00 -19.09
N LEU A 505 12.71 -26.07 -18.44
CA LEU A 505 11.55 -26.02 -17.55
C LEU A 505 12.03 -25.68 -16.15
N LEU A 506 11.58 -24.54 -15.63
CA LEU A 506 11.83 -24.17 -14.25
C LEU A 506 10.59 -24.13 -13.37
N LEU A 507 9.40 -24.29 -13.93
CA LEU A 507 8.20 -24.43 -13.14
C LEU A 507 7.23 -25.32 -13.89
N ASP A 508 6.51 -26.17 -13.15
CA ASP A 508 5.71 -27.21 -13.76
C ASP A 508 4.27 -27.11 -13.27
N SER A 509 3.42 -28.00 -13.78
CA SER A 509 2.01 -27.99 -13.45
C SER A 509 1.73 -28.36 -12.00
N ARG A 510 2.76 -28.63 -11.21
CA ARG A 510 2.59 -29.03 -9.81
C ARG A 510 3.31 -28.08 -8.86
N GLY A 511 3.79 -26.93 -9.35
CA GLY A 511 4.32 -25.93 -8.45
C GLY A 511 5.75 -26.18 -7.99
N ALA A 512 6.33 -27.31 -8.36
CA ALA A 512 7.66 -27.69 -7.93
C ALA A 512 8.73 -26.90 -8.68
N PHE A 513 9.58 -26.19 -7.93
CA PHE A 513 10.66 -25.43 -8.53
C PHE A 513 11.74 -26.37 -9.04
N HIS A 514 12.17 -26.15 -10.28
CA HIS A 514 13.21 -26.96 -10.90
C HIS A 514 14.46 -26.11 -11.07
N THR A 515 15.46 -26.37 -10.22
CA THR A 515 16.75 -25.67 -10.30
C THR A 515 17.61 -26.20 -11.43
N LYS A 516 17.38 -27.44 -11.85
CA LYS A 516 18.18 -28.04 -12.91
C LYS A 516 18.07 -27.25 -14.20
N GLY A 517 16.86 -26.81 -14.54
CA GLY A 517 16.71 -25.99 -15.73
C GLY A 517 17.50 -24.70 -15.65
N TYR A 518 17.50 -24.09 -14.46
CA TYR A 518 18.23 -22.83 -14.19
C TYR A 518 19.73 -23.06 -14.40
N TYR A 519 20.23 -24.17 -13.87
CA TYR A 519 21.67 -24.53 -14.01
C TYR A 519 21.96 -24.74 -15.50
N ALA A 520 21.11 -25.51 -16.18
CA ALA A 520 21.31 -25.74 -17.61
C ALA A 520 21.39 -24.41 -18.35
N ALA A 521 20.56 -23.44 -17.94
CA ALA A 521 20.59 -22.13 -18.55
C ALA A 521 21.94 -21.47 -18.34
N VAL A 522 22.49 -21.57 -17.12
CA VAL A 522 23.74 -20.86 -16.87
C VAL A 522 24.88 -21.48 -17.68
N GLU A 523 24.93 -22.82 -17.80
CA GLU A 523 25.99 -23.37 -18.65
C GLU A 523 25.75 -22.99 -20.11
N ALA A 524 24.49 -22.99 -20.54
CA ALA A 524 24.16 -22.60 -21.92
C ALA A 524 24.63 -21.18 -22.21
N LYS A 525 24.46 -20.27 -21.26
CA LYS A 525 25.05 -18.95 -21.43
C LYS A 525 26.57 -19.03 -21.47
N LYS A 526 27.16 -19.88 -20.63
CA LYS A 526 28.62 -19.96 -20.57
C LYS A 526 29.29 -20.35 -21.88
N GLU A 527 28.76 -21.35 -22.62
CA GLU A 527 29.53 -21.75 -23.81
C GLU A 527 29.66 -20.59 -24.80
N ARG A 528 28.58 -19.82 -24.98
CA ARG A 528 28.62 -18.72 -25.94
C ARG A 528 29.67 -17.69 -25.56
N MET A 529 29.81 -17.40 -24.28
CA MET A 529 30.84 -16.47 -23.82
C MET A 529 32.22 -17.13 -23.80
N GLY A 546 23.07 -4.86 -30.73
CA GLY A 546 21.89 -5.24 -29.97
C GLY A 546 20.71 -5.66 -30.85
N PRO A 547 20.32 -4.86 -31.85
CA PRO A 547 19.13 -5.26 -32.64
C PRO A 547 19.42 -6.40 -33.60
N ALA A 548 20.62 -6.45 -34.17
CA ALA A 548 20.93 -7.50 -35.15
C ALA A 548 20.95 -8.87 -34.50
N GLN A 549 21.37 -8.96 -33.24
CA GLN A 549 21.29 -10.23 -32.51
C GLN A 549 19.86 -10.51 -32.07
N ASP A 550 19.13 -9.47 -31.67
CA ASP A 550 17.79 -9.70 -31.15
C ASP A 550 16.87 -10.16 -32.27
N ARG A 551 17.16 -9.76 -33.50
CA ARG A 551 16.38 -10.23 -34.63
C ARG A 551 16.54 -11.73 -34.81
N GLY A 552 17.77 -12.23 -34.70
CA GLY A 552 17.96 -13.67 -34.76
C GLY A 552 17.36 -14.39 -33.57
N VAL A 553 17.34 -13.72 -32.41
CA VAL A 553 16.74 -14.33 -31.24
C VAL A 553 15.24 -14.51 -31.46
N TYR A 554 14.60 -13.49 -32.02
CA TYR A 554 13.15 -13.56 -32.25
C TYR A 554 12.84 -14.51 -33.39
N LEU A 555 13.71 -14.58 -34.40
CA LEU A 555 13.47 -15.54 -35.48
C LEU A 555 13.71 -16.97 -35.03
N SER A 556 14.56 -17.18 -34.02
CA SER A 556 14.70 -18.53 -33.51
C SER A 556 13.52 -18.90 -32.63
N LEU A 557 12.98 -17.91 -31.91
CA LEU A 557 11.80 -18.19 -31.09
C LEU A 557 10.60 -18.49 -31.97
N LEU A 558 10.34 -17.65 -32.95
CA LEU A 558 9.22 -17.90 -33.84
C LEU A 558 9.46 -19.09 -34.76
N ALA A 559 10.71 -19.46 -35.02
CA ALA A 559 10.98 -20.65 -35.79
C ALA A 559 10.66 -21.91 -35.00
N SER A 560 10.96 -21.91 -33.70
CA SER A 560 10.61 -23.07 -32.91
C SER A 560 9.14 -23.06 -32.50
N LEU A 561 8.49 -21.90 -32.57
CA LEU A 561 7.07 -21.80 -32.27
C LEU A 561 6.16 -22.08 -33.44
N ARG A 562 6.58 -21.75 -34.67
CA ARG A 562 5.74 -21.98 -35.85
C ARG A 562 5.73 -23.44 -36.25
N THR A 563 6.77 -24.20 -35.91
CA THR A 563 6.75 -25.62 -36.21
C THR A 563 5.61 -26.32 -35.49
N ARG A 564 5.19 -25.79 -34.34
CA ARG A 564 4.05 -26.27 -33.60
C ARG A 564 2.86 -25.36 -33.85
N ALA A 565 1.76 -25.62 -33.14
CA ALA A 565 0.52 -24.85 -33.25
C ALA A 565 0.43 -23.76 -32.20
N GLN A 566 1.57 -23.38 -31.61
CA GLN A 566 1.59 -22.36 -30.56
C GLN A 566 1.80 -20.96 -31.14
N LEU A 567 0.93 -20.59 -32.08
CA LEU A 567 1.09 -19.39 -32.90
C LEU A 567 0.68 -18.10 -32.19
N PRO A 568 -0.49 -18.03 -31.52
CA PRO A 568 -0.96 -16.72 -31.02
C PRO A 568 -0.15 -16.22 -29.83
N VAL A 569 1.02 -15.66 -30.10
CA VAL A 569 1.99 -15.35 -29.05
C VAL A 569 1.93 -13.86 -28.72
N VAL A 570 1.86 -13.57 -27.42
CA VAL A 570 1.77 -12.21 -26.92
C VAL A 570 3.10 -11.85 -26.25
N VAL A 571 3.92 -11.09 -26.98
CA VAL A 571 5.17 -10.56 -26.45
C VAL A 571 4.84 -9.38 -25.54
N PHE A 572 5.46 -9.34 -24.36
CA PHE A 572 5.36 -8.19 -23.49
C PHE A 572 6.69 -7.46 -23.50
N THR A 573 6.71 -6.30 -24.14
CA THR A 573 7.82 -5.36 -24.07
C THR A 573 7.54 -4.34 -22.99
N PHE A 574 8.59 -3.64 -22.56
CA PHE A 574 8.49 -2.76 -21.41
C PHE A 574 8.83 -1.31 -21.72
N SER A 575 9.01 -0.96 -22.99
CA SER A 575 9.18 0.43 -23.37
C SER A 575 8.79 0.61 -24.83
N ARG A 576 8.07 1.71 -25.11
CA ARG A 576 7.41 1.84 -26.39
C ARG A 576 8.40 1.97 -27.55
N GLY A 577 9.56 2.58 -27.31
CA GLY A 577 10.58 2.60 -28.35
C GLY A 577 11.19 1.24 -28.61
N ARG A 578 11.49 0.51 -27.54
CA ARG A 578 11.90 -0.88 -27.69
C ARG A 578 10.79 -1.71 -28.30
N CYS A 579 9.55 -1.36 -27.99
CA CYS A 579 8.40 -2.12 -28.50
C CYS A 579 8.26 -1.97 -30.01
N ASP A 580 8.37 -0.75 -30.55
CA ASP A 580 8.20 -0.60 -31.98
C ASP A 580 9.49 -0.81 -32.76
N GLU A 581 10.64 -0.88 -32.08
CA GLU A 581 11.90 -0.97 -32.80
C GLU A 581 12.03 -2.32 -33.46
N GLN A 582 11.78 -3.41 -32.72
CA GLN A 582 11.93 -4.73 -33.31
C GLN A 582 10.80 -5.02 -34.29
N ALA A 583 9.64 -4.41 -34.10
CA ALA A 583 8.57 -4.55 -35.07
C ALA A 583 8.90 -3.85 -36.38
N SER A 584 9.63 -2.74 -36.31
CA SER A 584 10.10 -2.11 -37.54
C SER A 584 11.22 -2.92 -38.17
N GLY A 585 12.15 -3.42 -37.35
CA GLY A 585 13.32 -4.11 -37.84
C GLY A 585 13.09 -5.54 -38.28
N LEU A 586 11.93 -6.10 -37.97
CA LEU A 586 11.68 -7.51 -38.27
C LEU A 586 11.44 -7.72 -39.76
N THR A 587 10.40 -7.10 -40.29
CA THR A 587 10.30 -6.64 -41.68
C THR A 587 10.09 -7.75 -42.71
N SER A 588 10.14 -9.04 -42.33
CA SER A 588 9.66 -10.07 -43.25
C SER A 588 9.27 -11.34 -42.48
N LEU A 589 7.98 -11.51 -42.22
CA LEU A 589 7.45 -12.83 -41.86
C LEU A 589 6.37 -13.32 -42.82
N ASP A 590 5.32 -12.54 -43.04
CA ASP A 590 4.15 -12.94 -43.82
C ASP A 590 3.57 -14.25 -43.30
N LEU A 591 3.12 -14.22 -42.04
CA LEU A 591 2.55 -15.39 -41.38
C LEU A 591 1.07 -15.61 -41.66
N THR A 592 0.51 -15.00 -42.70
CA THR A 592 -0.94 -15.03 -42.89
C THR A 592 -1.26 -15.58 -44.29
N THR A 593 -2.28 -16.43 -44.35
CA THR A 593 -2.71 -17.03 -45.60
C THR A 593 -3.55 -16.02 -46.39
N SER A 594 -4.16 -16.47 -47.49
CA SER A 594 -4.90 -15.56 -48.36
C SER A 594 -6.27 -15.19 -47.82
N SER A 595 -7.04 -16.15 -47.30
CA SER A 595 -8.40 -15.81 -46.89
C SER A 595 -8.43 -14.94 -45.64
N GLU A 596 -7.50 -15.15 -44.71
CA GLU A 596 -7.43 -14.26 -43.56
C GLU A 596 -6.91 -12.89 -43.97
N LYS A 597 -6.02 -12.83 -44.95
CA LYS A 597 -5.61 -11.53 -45.48
C LYS A 597 -6.81 -10.80 -46.08
N SER A 598 -7.66 -11.51 -46.83
CA SER A 598 -8.83 -10.89 -47.42
C SER A 598 -9.79 -10.40 -46.34
N GLU A 599 -9.99 -11.19 -45.28
CA GLU A 599 -10.92 -10.78 -44.24
C GLU A 599 -10.37 -9.59 -43.46
N ILE A 600 -9.07 -9.60 -43.19
CA ILE A 600 -8.43 -8.47 -42.54
C ILE A 600 -8.58 -7.21 -43.37
N HIS A 601 -8.35 -7.32 -44.68
CA HIS A 601 -8.43 -6.13 -45.53
C HIS A 601 -9.86 -5.60 -45.62
N LEU A 602 -10.85 -6.48 -45.76
CA LEU A 602 -12.23 -6.02 -45.86
C LEU A 602 -12.67 -5.37 -44.55
N PHE A 603 -12.38 -6.04 -43.43
CA PHE A 603 -12.76 -5.52 -42.13
C PHE A 603 -12.07 -4.19 -41.85
N LEU A 604 -10.77 -4.10 -42.19
CA LEU A 604 -10.03 -2.91 -41.84
C LEU A 604 -10.49 -1.71 -42.66
N GLN A 605 -10.92 -1.93 -43.92
CA GLN A 605 -11.42 -0.77 -44.63
C GLN A 605 -12.84 -0.42 -44.21
N ARG A 606 -13.69 -1.41 -43.88
CA ARG A 606 -15.02 -1.04 -43.43
C ARG A 606 -14.96 -0.28 -42.12
N CYS A 607 -14.03 -0.66 -41.22
CA CYS A 607 -13.94 0.06 -39.96
C CYS A 607 -13.23 1.40 -40.11
N LEU A 608 -12.27 1.52 -41.04
CA LEU A 608 -11.55 2.77 -41.18
C LEU A 608 -12.26 3.78 -42.06
N ALA A 609 -13.27 3.37 -42.82
CA ALA A 609 -13.86 4.24 -43.83
C ALA A 609 -14.90 5.18 -43.27
N ARG A 610 -15.08 5.20 -41.94
CA ARG A 610 -15.99 6.19 -41.37
C ARG A 610 -15.35 7.58 -41.44
N LEU A 611 -14.07 7.68 -41.09
CA LEU A 611 -13.40 8.96 -41.01
C LEU A 611 -12.98 9.40 -42.43
N ARG A 612 -12.54 10.64 -42.55
CA ARG A 612 -12.43 11.27 -43.86
C ARG A 612 -11.17 10.76 -44.57
N GLY A 613 -10.82 11.34 -45.71
CA GLY A 613 -9.80 10.76 -46.56
C GLY A 613 -8.34 10.81 -46.13
N SER A 614 -7.77 12.02 -46.02
CA SER A 614 -6.38 12.17 -45.60
C SER A 614 -6.13 11.55 -44.24
N ASP A 615 -7.13 11.61 -43.37
CA ASP A 615 -7.02 11.16 -41.99
C ASP A 615 -6.78 9.66 -41.87
N ARG A 616 -6.99 8.90 -42.95
CA ARG A 616 -6.73 7.47 -42.97
C ARG A 616 -5.47 7.13 -43.76
N GLN A 617 -4.70 8.13 -44.18
CA GLN A 617 -3.41 7.92 -44.84
C GLN A 617 -2.36 8.77 -44.12
N LEU A 618 -1.77 8.20 -43.07
CA LEU A 618 -0.67 8.79 -42.35
C LEU A 618 0.23 7.67 -41.86
N PRO A 619 1.51 7.96 -41.55
CA PRO A 619 2.51 6.88 -41.51
C PRO A 619 2.11 5.68 -40.67
N GLN A 620 1.66 5.92 -39.43
CA GLN A 620 1.32 4.81 -38.54
C GLN A 620 0.21 3.93 -39.10
N VAL A 621 -0.85 4.53 -39.65
CA VAL A 621 -1.95 3.71 -40.15
C VAL A 621 -1.47 2.75 -41.23
N LEU A 622 -0.71 3.26 -42.19
CA LEU A 622 -0.21 2.43 -43.28
C LEU A 622 0.72 1.35 -42.76
N HIS A 623 1.66 1.74 -41.89
CA HIS A 623 2.64 0.79 -41.39
C HIS A 623 1.95 -0.31 -40.59
N MET A 624 0.99 0.09 -39.75
CA MET A 624 0.24 -0.87 -38.96
C MET A 624 -0.60 -1.78 -39.83
N SER A 625 -1.21 -1.24 -40.89
CA SER A 625 -1.97 -2.09 -41.81
C SER A 625 -1.07 -3.11 -42.47
N GLU A 626 0.14 -2.71 -42.85
CA GLU A 626 1.08 -3.66 -43.41
C GLU A 626 1.42 -4.75 -42.41
N LEU A 627 1.67 -4.36 -41.16
CA LEU A 627 1.99 -5.34 -40.13
C LEU A 627 0.83 -6.30 -39.94
N LEU A 628 -0.40 -5.77 -39.89
CA LEU A 628 -1.54 -6.65 -39.70
C LEU A 628 -1.69 -7.57 -40.90
N ASN A 629 -1.34 -7.06 -42.08
CA ASN A 629 -1.41 -7.87 -43.29
C ASN A 629 -0.54 -9.09 -43.16
N ARG A 630 0.69 -8.91 -42.64
CA ARG A 630 1.50 -10.09 -42.38
C ARG A 630 0.99 -10.89 -41.20
N GLY A 631 0.32 -10.25 -40.26
CA GLY A 631 -0.10 -10.94 -39.05
C GLY A 631 0.74 -10.54 -37.85
N LEU A 632 1.09 -9.26 -37.77
CA LEU A 632 1.87 -8.71 -36.66
C LEU A 632 1.19 -7.46 -36.13
N GLY A 633 1.17 -7.28 -34.82
CA GLY A 633 0.54 -6.11 -34.24
C GLY A 633 1.35 -5.51 -33.11
N VAL A 634 1.06 -4.23 -32.83
CA VAL A 634 1.63 -3.50 -31.71
C VAL A 634 0.48 -2.94 -30.88
N HIS A 635 0.70 -2.83 -29.57
CA HIS A 635 -0.35 -2.37 -28.67
C HIS A 635 0.21 -1.50 -27.55
N HIS A 636 1.09 -0.57 -27.86
CA HIS A 636 1.67 0.23 -26.78
C HIS A 636 0.79 1.45 -26.53
N SER A 637 1.22 2.32 -25.63
CA SER A 637 0.42 3.46 -25.22
C SER A 637 0.69 4.71 -26.06
N GLY A 638 1.53 4.62 -27.07
CA GLY A 638 1.85 5.79 -27.88
C GLY A 638 1.26 5.68 -29.27
N ILE A 639 0.10 5.03 -29.35
CA ILE A 639 -0.58 4.79 -30.61
C ILE A 639 -2.02 5.29 -30.48
N LEU A 640 -2.63 5.60 -31.62
CA LEU A 640 -3.98 6.13 -31.63
C LEU A 640 -4.95 5.11 -31.04
N PRO A 641 -5.96 5.56 -30.29
CA PRO A 641 -6.93 4.61 -29.72
C PRO A 641 -7.68 3.80 -30.76
N ILE A 642 -7.73 4.26 -32.01
CA ILE A 642 -8.45 3.51 -33.02
C ILE A 642 -7.62 2.32 -33.45
N LEU A 643 -6.33 2.35 -33.17
CA LEU A 643 -5.50 1.23 -33.55
C LEU A 643 -5.32 0.28 -32.39
N LYS A 644 -5.33 0.79 -31.16
CA LYS A 644 -5.41 -0.11 -30.02
C LYS A 644 -6.68 -0.92 -30.12
N GLU A 645 -7.78 -0.25 -30.48
CA GLU A 645 -9.07 -0.91 -30.59
C GLU A 645 -9.11 -1.88 -31.75
N ILE A 646 -8.50 -1.52 -32.89
CA ILE A 646 -8.50 -2.45 -34.01
C ILE A 646 -7.68 -3.69 -33.66
N VAL A 647 -6.52 -3.51 -33.02
CA VAL A 647 -5.68 -4.65 -32.67
C VAL A 647 -6.39 -5.56 -31.69
N GLU A 648 -7.04 -4.99 -30.68
CA GLU A 648 -7.72 -5.83 -29.70
C GLU A 648 -8.92 -6.55 -30.31
N MET A 649 -9.67 -5.87 -31.17
CA MET A 649 -10.84 -6.51 -31.77
C MET A 649 -10.47 -7.50 -32.86
N LEU A 650 -9.27 -7.41 -33.42
CA LEU A 650 -8.77 -8.42 -34.34
C LEU A 650 -7.96 -9.51 -33.66
N PHE A 651 -7.63 -9.35 -32.39
CA PHE A 651 -6.93 -10.40 -31.67
C PHE A 651 -7.87 -11.37 -30.98
N SER A 652 -9.12 -10.96 -30.72
CA SER A 652 -10.05 -11.86 -30.05
C SER A 652 -10.67 -12.87 -31.00
N ARG A 653 -10.36 -12.80 -32.30
CA ARG A 653 -10.84 -13.77 -33.26
C ARG A 653 -9.71 -14.48 -33.98
N GLY A 654 -8.47 -14.30 -33.53
CA GLY A 654 -7.35 -15.06 -34.06
C GLY A 654 -6.88 -14.68 -35.45
N LEU A 655 -7.14 -13.48 -35.92
CA LEU A 655 -6.62 -13.05 -37.21
C LEU A 655 -5.28 -12.32 -37.10
N VAL A 656 -4.71 -12.23 -35.91
CA VAL A 656 -3.35 -11.75 -35.72
C VAL A 656 -2.61 -12.75 -34.85
N LYS A 657 -1.31 -12.94 -35.12
CA LYS A 657 -0.59 -14.07 -34.56
C LYS A 657 0.50 -13.67 -33.59
N VAL A 658 1.04 -12.47 -33.69
CA VAL A 658 2.08 -12.00 -32.79
C VAL A 658 1.72 -10.59 -32.35
N LEU A 659 1.63 -10.38 -31.05
CA LEU A 659 1.31 -9.06 -30.50
C LEU A 659 2.46 -8.53 -29.66
N PHE A 660 3.02 -7.38 -30.04
CA PHE A 660 4.03 -6.71 -29.22
C PHE A 660 3.33 -5.76 -28.25
N ALA A 661 2.62 -6.37 -27.30
CA ALA A 661 1.78 -5.59 -26.39
C ALA A 661 2.61 -5.04 -25.24
N THR A 662 1.95 -4.25 -24.39
CA THR A 662 2.56 -3.84 -23.13
C THR A 662 1.54 -3.99 -22.02
N GLU A 663 1.87 -3.49 -20.82
CA GLU A 663 1.04 -3.73 -19.64
C GLU A 663 -0.39 -3.25 -19.83
N THR A 664 -0.61 -2.23 -20.66
CA THR A 664 -1.97 -1.74 -20.84
C THR A 664 -2.85 -2.79 -21.47
N PHE A 665 -2.29 -3.63 -22.35
CA PHE A 665 -3.02 -4.81 -22.80
C PHE A 665 -3.14 -5.81 -21.69
N ALA A 666 -2.19 -5.83 -20.74
CA ALA A 666 -2.25 -6.80 -19.67
C ALA A 666 -3.35 -6.47 -18.66
N MET A 667 -3.75 -5.21 -18.56
CA MET A 667 -4.78 -4.82 -17.61
C MET A 667 -6.13 -4.54 -18.27
N GLY A 668 -6.15 -3.74 -19.33
CA GLY A 668 -7.40 -3.17 -19.81
C GLY A 668 -8.32 -4.14 -20.53
N VAL A 669 -7.87 -5.36 -20.80
CA VAL A 669 -8.64 -6.33 -21.56
C VAL A 669 -8.34 -7.72 -21.02
N ASN A 670 -9.12 -8.71 -21.45
CA ASN A 670 -8.87 -10.08 -21.00
C ASN A 670 -8.47 -10.99 -22.16
N MET A 671 -9.35 -11.19 -23.16
CA MET A 671 -9.05 -11.78 -24.47
C MET A 671 -7.93 -12.82 -24.40
N PRO A 672 -8.16 -13.95 -23.75
CA PRO A 672 -7.04 -14.87 -23.49
C PRO A 672 -6.41 -15.38 -24.77
N ALA A 673 -5.10 -15.61 -24.69
CA ALA A 673 -4.29 -16.10 -25.78
C ALA A 673 -3.53 -17.32 -25.30
N ARG A 674 -2.83 -17.98 -26.23
CA ARG A 674 -2.23 -19.27 -25.93
C ARG A 674 -0.88 -19.13 -25.20
N THR A 675 0.08 -18.43 -25.79
CA THR A 675 1.42 -18.36 -25.24
C THR A 675 1.87 -16.93 -24.97
N VAL A 676 2.15 -16.64 -23.71
CA VAL A 676 2.64 -15.34 -23.27
C VAL A 676 4.15 -15.43 -23.15
N VAL A 677 4.87 -14.51 -23.79
CA VAL A 677 6.33 -14.46 -23.71
C VAL A 677 6.75 -13.10 -23.17
N PHE A 678 7.59 -13.11 -22.15
CA PHE A 678 8.09 -11.85 -21.59
C PHE A 678 9.28 -11.37 -22.40
N ASP A 679 9.84 -10.22 -22.02
CA ASP A 679 11.01 -9.68 -22.68
C ASP A 679 12.07 -9.18 -21.71
N SER A 680 11.77 -9.00 -20.44
CA SER A 680 12.74 -8.47 -19.51
C SER A 680 12.29 -8.77 -18.09
N MET A 681 13.08 -8.32 -17.12
CA MET A 681 12.82 -8.55 -15.72
C MET A 681 12.67 -7.27 -14.91
N ARG A 682 13.02 -6.11 -15.48
CA ARG A 682 12.98 -4.85 -14.75
C ARG A 682 12.27 -3.78 -15.56
N LYS A 683 11.44 -2.97 -14.90
CA LYS A 683 10.70 -1.90 -15.54
C LYS A 683 10.97 -0.58 -14.83
N HIS A 684 10.50 0.51 -15.44
CA HIS A 684 10.81 1.87 -14.99
C HIS A 684 9.51 2.52 -14.54
N ASP A 685 9.15 2.30 -13.27
CA ASP A 685 7.88 2.80 -12.77
C ASP A 685 7.96 4.26 -12.32
N GLY A 686 8.82 4.53 -11.34
CA GLY A 686 8.86 5.82 -10.68
C GLY A 686 10.22 6.47 -10.74
N SER A 687 10.89 6.32 -11.88
CA SER A 687 12.24 6.82 -12.14
C SER A 687 13.30 6.05 -11.36
N THR A 688 12.94 4.93 -10.74
CA THR A 688 13.92 4.09 -10.06
C THR A 688 14.29 2.86 -10.88
N PHE A 689 13.64 2.66 -12.01
CA PHE A 689 13.99 1.62 -12.98
C PHE A 689 14.10 0.26 -12.29
N ARG A 690 13.06 -0.07 -11.52
CA ARG A 690 13.01 -1.17 -10.57
C ARG A 690 12.81 -2.51 -11.27
N ASP A 691 12.87 -3.58 -10.47
CA ASP A 691 12.52 -4.91 -10.93
C ASP A 691 11.02 -5.14 -10.83
N LEU A 692 10.46 -5.87 -11.79
CA LEU A 692 9.04 -6.19 -11.76
C LEU A 692 8.69 -7.03 -10.53
N LEU A 693 7.64 -6.61 -9.82
CA LEU A 693 7.23 -7.21 -8.55
C LEU A 693 6.23 -8.35 -8.78
N PRO A 694 6.05 -9.22 -7.79
CA PRO A 694 5.24 -10.45 -8.02
C PRO A 694 3.79 -10.25 -8.43
N GLY A 695 3.07 -9.27 -7.89
CA GLY A 695 1.66 -9.17 -8.19
C GLY A 695 1.34 -9.03 -9.68
N GLU A 696 2.15 -8.26 -10.41
CA GLU A 696 1.89 -8.08 -11.84
C GLU A 696 2.06 -9.40 -12.57
N TYR A 697 3.24 -10.00 -12.45
CA TYR A 697 3.61 -11.24 -13.13
C TYR A 697 2.50 -12.28 -13.08
N VAL A 698 1.84 -12.37 -11.93
CA VAL A 698 0.78 -13.37 -11.76
C VAL A 698 -0.33 -13.14 -12.77
N GLN A 699 -0.68 -11.88 -13.02
CA GLN A 699 -1.78 -11.56 -13.93
C GLN A 699 -1.44 -11.97 -15.37
N MET A 700 -0.28 -11.53 -15.86
CA MET A 700 0.10 -11.85 -17.23
C MET A 700 0.27 -13.35 -17.40
N ALA A 701 0.85 -14.01 -16.41
CA ALA A 701 0.95 -15.46 -16.47
C ALA A 701 -0.43 -16.09 -16.48
N GLY A 702 -1.37 -15.51 -15.73
CA GLY A 702 -2.71 -16.06 -15.68
C GLY A 702 -3.38 -16.04 -17.04
N ARG A 703 -3.17 -14.97 -17.82
CA ARG A 703 -3.74 -15.03 -19.16
C ARG A 703 -2.86 -15.80 -20.15
N ALA A 704 -2.48 -17.01 -19.78
CA ALA A 704 -1.70 -17.88 -20.66
C ALA A 704 -2.56 -19.02 -21.21
N GLY A 705 -3.26 -19.75 -20.37
CA GLY A 705 -4.09 -20.82 -20.87
C GLY A 705 -5.38 -20.28 -21.47
N ARG A 706 -5.86 -20.96 -22.50
CA ARG A 706 -7.18 -20.67 -23.05
C ARG A 706 -8.15 -21.72 -22.53
N ARG A 707 -9.43 -21.53 -22.82
CA ARG A 707 -10.48 -22.33 -22.17
C ARG A 707 -11.01 -23.35 -23.18
N GLY A 708 -10.56 -24.59 -23.05
CA GLY A 708 -11.04 -25.69 -23.85
C GLY A 708 -10.58 -25.69 -25.28
N LEU A 709 -9.79 -24.71 -25.70
CA LEU A 709 -9.25 -24.65 -27.04
C LEU A 709 -7.78 -25.07 -27.08
N ASP A 710 -7.26 -25.55 -25.95
CA ASP A 710 -5.89 -26.01 -25.81
C ASP A 710 -5.77 -26.71 -24.46
N PRO A 711 -4.86 -27.67 -24.31
CA PRO A 711 -4.73 -28.37 -23.02
C PRO A 711 -4.25 -27.48 -21.89
N THR A 712 -3.15 -26.75 -22.13
CA THR A 712 -2.55 -25.89 -21.11
C THR A 712 -1.99 -24.65 -21.79
N GLY A 713 -1.23 -23.87 -21.02
CA GLY A 713 -0.58 -22.68 -21.53
C GLY A 713 0.85 -22.52 -21.06
N THR A 714 1.74 -22.07 -21.93
CA THR A 714 3.15 -21.97 -21.65
C THR A 714 3.57 -20.51 -21.57
N VAL A 715 4.18 -20.13 -20.44
CA VAL A 715 4.72 -18.79 -20.26
C VAL A 715 6.24 -18.86 -20.42
N ILE A 716 6.76 -18.21 -21.46
CA ILE A 716 8.17 -18.32 -21.82
C ILE A 716 8.87 -17.02 -21.42
N LEU A 717 9.77 -17.09 -20.46
CA LEU A 717 10.64 -15.96 -20.20
C LEU A 717 11.79 -15.97 -21.20
N LEU A 718 12.29 -14.77 -21.52
CA LEU A 718 13.20 -14.58 -22.64
C LEU A 718 14.47 -13.83 -22.19
N CYS A 719 15.05 -14.29 -21.10
CA CYS A 719 16.33 -13.71 -20.65
C CYS A 719 17.37 -13.81 -21.74
N LYS A 720 17.93 -12.67 -22.13
CA LYS A 720 18.91 -12.66 -23.21
C LYS A 720 20.22 -12.00 -22.82
N GLY A 721 20.15 -10.96 -21.98
CA GLY A 721 21.35 -10.18 -21.71
C GLY A 721 22.34 -10.89 -20.80
N ARG A 722 21.87 -11.37 -19.66
CA ARG A 722 22.75 -11.99 -18.68
C ARG A 722 22.01 -13.15 -18.02
N VAL A 723 22.56 -13.70 -16.94
CA VAL A 723 21.99 -14.86 -16.26
C VAL A 723 20.67 -14.45 -15.63
N PRO A 724 19.69 -15.36 -15.46
CA PRO A 724 18.41 -14.94 -14.89
C PRO A 724 18.46 -14.59 -13.41
N GLU A 725 19.47 -15.04 -12.66
CA GLU A 725 19.58 -14.76 -11.23
C GLU A 725 18.37 -15.30 -10.48
N MET A 726 18.26 -16.64 -10.51
CA MET A 726 17.09 -17.37 -10.02
C MET A 726 16.68 -16.99 -8.61
N ALA A 727 17.58 -16.39 -7.82
CA ALA A 727 17.30 -16.15 -6.41
C ALA A 727 16.07 -15.27 -6.25
N ASP A 728 16.02 -14.15 -6.96
CA ASP A 728 14.85 -13.29 -6.88
C ASP A 728 13.70 -13.81 -7.71
N LEU A 729 13.99 -14.64 -8.71
CA LEU A 729 12.94 -15.32 -9.45
C LEU A 729 12.11 -16.20 -8.54
N HIS A 730 12.73 -16.76 -7.50
CA HIS A 730 11.98 -17.59 -6.57
C HIS A 730 10.89 -16.81 -5.84
N ARG A 731 11.24 -15.68 -5.20
CA ARG A 731 10.16 -14.98 -4.51
C ARG A 731 9.27 -14.18 -5.44
N MET A 732 9.70 -13.88 -6.67
CA MET A 732 8.77 -13.16 -7.55
C MET A 732 7.79 -14.11 -8.22
N MET A 733 8.30 -15.24 -8.71
CA MET A 733 7.51 -16.18 -9.48
C MET A 733 6.58 -17.01 -8.60
N MET A 734 6.86 -17.09 -7.30
CA MET A 734 5.95 -17.68 -6.34
C MET A 734 6.05 -16.82 -5.09
N GLY A 735 4.92 -16.58 -4.45
CA GLY A 735 4.93 -15.70 -3.30
C GLY A 735 3.53 -15.20 -3.02
N LYS A 736 3.21 -14.96 -1.77
CA LYS A 736 1.87 -14.47 -1.47
C LYS A 736 1.73 -13.12 -2.15
N PRO A 737 0.67 -12.88 -2.93
CA PRO A 737 0.70 -11.80 -3.92
C PRO A 737 0.95 -10.41 -3.36
N SER A 738 0.10 -9.93 -2.46
CA SER A 738 0.32 -8.67 -1.78
C SER A 738 -0.75 -8.47 -0.73
N GLN A 739 -0.39 -7.79 0.35
CA GLN A 739 -1.37 -7.45 1.36
C GLN A 739 -2.28 -6.35 0.82
N LEU A 740 -3.21 -5.91 1.65
CA LEU A 740 -4.19 -4.92 1.23
C LEU A 740 -3.98 -3.72 2.13
N GLN A 741 -3.33 -2.70 1.58
CA GLN A 741 -2.92 -1.51 2.32
C GLN A 741 -4.07 -0.51 2.31
N SER A 742 -3.77 0.72 2.73
CA SER A 742 -4.74 1.79 2.64
C SER A 742 -3.97 3.09 2.47
N GLN A 743 -4.03 3.66 1.26
CA GLN A 743 -3.33 4.90 0.95
C GLN A 743 -4.31 6.05 1.11
N PHE A 744 -4.72 6.25 2.36
CA PHE A 744 -5.63 7.32 2.70
C PHE A 744 -4.86 8.61 2.92
N ARG A 745 -5.43 9.70 2.42
CA ARG A 745 -4.85 11.02 2.59
C ARG A 745 -5.95 12.03 2.38
N LEU A 746 -5.69 13.26 2.81
CA LEU A 746 -6.68 14.31 2.76
C LEU A 746 -6.47 15.17 1.53
N THR A 747 -7.54 15.44 0.80
CA THR A 747 -7.52 16.36 -0.32
C THR A 747 -8.47 17.50 0.01
N TYR A 748 -8.36 18.57 -0.77
CA TYR A 748 -9.24 19.71 -0.56
C TYR A 748 -10.68 19.40 -0.93
N THR A 749 -10.91 18.58 -1.97
CA THR A 749 -12.28 18.31 -2.38
C THR A 749 -13.10 17.67 -1.27
N MET A 750 -12.55 16.67 -0.56
CA MET A 750 -13.33 16.10 0.53
C MET A 750 -13.63 17.12 1.60
N ILE A 751 -12.65 17.94 1.97
CA ILE A 751 -12.85 18.93 3.02
C ILE A 751 -13.93 19.91 2.63
N LEU A 752 -13.92 20.41 1.39
CA LEU A 752 -14.96 21.35 1.00
C LEU A 752 -16.32 20.68 0.96
N ASN A 753 -16.42 19.53 0.30
CA ASN A 753 -17.70 18.82 0.22
C ASN A 753 -18.17 18.25 1.55
N LEU A 754 -17.35 18.31 2.60
CA LEU A 754 -17.84 17.91 3.91
C LEU A 754 -18.15 19.08 4.81
N LEU A 755 -17.40 20.17 4.74
CA LEU A 755 -17.83 21.39 5.44
C LEU A 755 -19.14 21.89 4.86
N ARG A 756 -19.34 21.70 3.55
CA ARG A 756 -20.55 22.17 2.89
C ARG A 756 -21.78 21.53 3.53
N VAL A 757 -21.69 20.26 3.88
CA VAL A 757 -22.79 19.52 4.50
C VAL A 757 -22.65 19.67 6.00
N ASP A 758 -23.79 19.77 6.69
CA ASP A 758 -23.76 20.09 8.11
C ASP A 758 -23.67 18.85 9.00
N ALA A 759 -24.37 17.77 8.65
CA ALA A 759 -24.44 16.62 9.55
C ALA A 759 -23.23 15.71 9.46
N LEU A 760 -22.32 15.90 8.51
CA LEU A 760 -21.10 15.10 8.43
C LEU A 760 -19.91 15.95 8.84
N ARG A 761 -19.06 15.40 9.70
CA ARG A 761 -17.83 16.03 10.13
C ARG A 761 -16.63 15.32 9.52
N VAL A 762 -15.53 16.08 9.37
CA VAL A 762 -14.37 15.52 8.67
C VAL A 762 -13.68 14.49 9.53
N GLU A 763 -13.71 14.65 10.86
CA GLU A 763 -13.08 13.66 11.71
C GLU A 763 -13.87 12.36 11.72
N ASP A 764 -15.14 12.42 11.35
CA ASP A 764 -15.94 11.21 11.20
C ASP A 764 -15.34 10.34 10.11
N MET A 765 -15.00 10.96 8.99
CA MET A 765 -14.43 10.23 7.86
C MET A 765 -13.10 9.61 8.25
N MET A 766 -12.26 10.35 8.99
CA MET A 766 -10.99 9.81 9.45
C MET A 766 -11.16 8.64 10.42
N LYS A 767 -12.11 8.75 11.36
CA LYS A 767 -12.33 7.63 12.27
C LYS A 767 -12.81 6.40 11.52
N ARG A 768 -13.69 6.59 10.53
CA ARG A 768 -14.22 5.44 9.81
C ARG A 768 -13.26 4.95 8.73
N SER A 769 -12.03 5.44 8.72
CA SER A 769 -11.09 5.11 7.65
C SER A 769 -10.39 3.79 7.92
N PHE A 770 -9.97 3.13 6.84
CA PHE A 770 -9.39 1.79 6.97
C PHE A 770 -8.03 1.85 7.65
N SER A 771 -7.31 2.96 7.50
CA SER A 771 -6.02 3.08 8.15
C SER A 771 -6.14 3.29 9.64
N GLU A 772 -7.37 3.43 10.14
CA GLU A 772 -7.63 3.49 11.57
C GLU A 772 -8.32 2.23 12.07
N PHE A 773 -8.52 1.25 11.20
CA PHE A 773 -9.25 0.05 11.60
C PHE A 773 -8.56 -0.71 12.72
N PRO A 774 -7.25 -0.98 12.66
CA PRO A 774 -6.62 -1.72 13.78
C PRO A 774 -6.77 -1.00 15.10
N SER A 775 -6.61 0.33 15.11
CA SER A 775 -6.74 1.09 16.34
C SER A 775 -8.18 1.07 16.85
N ARG A 776 -9.14 1.19 15.93
CA ARG A 776 -10.55 1.35 16.30
C ARG A 776 -11.30 0.04 16.22
N LYS A 777 -10.58 -1.09 16.16
CA LYS A 777 -11.23 -2.38 15.97
C LYS A 777 -12.09 -2.73 17.17
N ASP A 778 -11.48 -2.85 18.34
CA ASP A 778 -12.17 -3.18 19.58
C ASP A 778 -12.61 -1.93 20.33
N SER A 779 -13.35 -1.05 19.65
CA SER A 779 -13.73 0.21 20.27
C SER A 779 -14.80 0.00 21.32
N LYS A 780 -15.73 -0.92 21.06
CA LYS A 780 -16.76 -1.22 22.05
C LYS A 780 -16.16 -1.82 23.31
N ALA A 781 -15.04 -2.54 23.18
CA ALA A 781 -14.39 -3.09 24.36
C ALA A 781 -13.67 -2.00 25.14
N HIS A 782 -13.08 -1.04 24.43
CA HIS A 782 -12.42 0.07 25.10
C HIS A 782 -13.42 0.91 25.88
N GLU A 783 -14.56 1.20 25.25
CA GLU A 783 -15.56 2.03 25.92
C GLU A 783 -16.21 1.28 27.07
N GLN A 784 -16.44 -0.03 26.90
CA GLN A 784 -17.03 -0.80 28.00
C GLN A 784 -16.06 -0.93 29.16
N ALA A 785 -14.76 -1.06 28.89
CA ALA A 785 -13.79 -1.08 29.97
C ALA A 785 -13.75 0.27 30.70
N LEU A 786 -13.87 1.36 29.94
CA LEU A 786 -13.90 2.68 30.57
C LEU A 786 -15.14 2.83 31.44
N ALA A 787 -16.29 2.47 30.91
CA ALA A 787 -17.56 2.61 31.61
C ALA A 787 -17.67 1.66 32.80
N GLU A 788 -16.91 0.58 32.82
CA GLU A 788 -16.97 -0.35 33.93
C GLU A 788 -15.85 -0.12 34.94
N LEU A 789 -14.83 0.67 34.59
CA LEU A 789 -13.91 1.12 35.61
C LEU A 789 -14.29 2.46 36.21
N THR A 790 -15.08 3.28 35.50
CA THR A 790 -15.64 4.47 36.11
C THR A 790 -16.50 4.11 37.31
N LYS A 791 -17.17 2.95 37.24
CA LYS A 791 -17.92 2.45 38.39
C LYS A 791 -16.96 2.12 39.52
N ARG A 792 -15.83 1.51 39.17
CA ARG A 792 -14.85 1.09 40.16
C ARG A 792 -14.20 2.27 40.85
N LEU A 793 -14.16 3.43 40.18
CA LEU A 793 -13.57 4.60 40.81
C LEU A 793 -14.34 5.06 42.03
N GLY A 794 -15.65 4.84 42.06
CA GLY A 794 -16.40 5.36 43.19
C GLY A 794 -16.16 4.59 44.48
N ALA A 795 -15.16 3.70 44.47
CA ALA A 795 -15.03 2.68 45.50
C ALA A 795 -14.02 3.09 46.57
N LEU A 796 -12.80 3.41 46.15
CA LEU A 796 -11.71 3.58 47.10
C LEU A 796 -11.96 4.74 48.05
N GLU A 797 -11.56 4.56 49.30
CA GLU A 797 -11.74 5.61 50.29
C GLU A 797 -10.77 6.76 50.02
N GLU A 798 -11.14 7.95 50.46
CA GLU A 798 -10.25 9.10 50.39
C GLU A 798 -9.30 9.07 51.59
N PRO A 799 -7.99 9.01 51.38
CA PRO A 799 -7.06 8.93 52.51
C PRO A 799 -6.85 10.29 53.15
N ASP A 800 -6.21 10.26 54.32
CA ASP A 800 -5.88 11.46 55.10
C ASP A 800 -4.37 11.59 55.21
N MET A 801 -3.82 12.67 54.65
CA MET A 801 -2.38 12.88 54.61
C MET A 801 -1.97 14.09 55.46
N THR A 802 -2.88 14.62 56.27
CA THR A 802 -2.60 15.80 57.08
C THR A 802 -1.64 15.46 58.21
N GLY A 803 -0.39 15.91 58.09
CA GLY A 803 0.60 15.66 59.11
C GLY A 803 1.83 14.92 58.61
N GLN A 804 2.02 13.70 59.10
CA GLN A 804 3.21 12.93 58.75
C GLN A 804 3.18 12.43 57.31
N LEU A 805 2.05 12.55 56.63
CA LEU A 805 1.85 11.97 55.31
C LEU A 805 1.74 13.02 54.22
N VAL A 806 2.14 14.27 54.51
CA VAL A 806 1.82 15.39 53.63
C VAL A 806 2.46 15.20 52.25
N ASP A 807 3.74 14.80 52.22
CA ASP A 807 4.45 14.66 50.96
C ASP A 807 4.32 13.26 50.35
N LEU A 808 3.42 12.43 50.88
CA LEU A 808 3.30 11.05 50.41
C LEU A 808 3.03 10.93 48.92
N PRO A 809 2.11 11.70 48.32
CA PRO A 809 1.92 11.56 46.87
C PRO A 809 3.12 12.03 46.05
N GLU A 810 3.69 13.20 46.36
CA GLU A 810 4.81 13.66 45.56
C GLU A 810 5.99 12.73 45.71
N TYR A 811 6.23 12.27 46.94
CA TYR A 811 7.22 11.22 47.18
C TYR A 811 7.00 10.04 46.25
N TYR A 812 5.73 9.62 46.13
CA TYR A 812 5.40 8.52 45.24
C TYR A 812 5.90 8.78 43.84
N SER A 813 5.64 9.98 43.32
CA SER A 813 6.11 10.31 41.98
C SER A 813 7.61 10.18 41.89
N TRP A 814 8.32 10.71 42.89
CA TRP A 814 9.77 10.67 42.88
C TRP A 814 10.27 9.24 42.81
N GLY A 815 9.55 8.32 43.45
CA GLY A 815 9.97 6.93 43.41
C GLY A 815 9.90 6.29 42.04
N GLU A 816 8.83 6.52 41.28
CA GLU A 816 8.74 5.80 40.00
C GLU A 816 9.74 6.35 38.98
N GLU A 817 9.72 7.66 38.73
CA GLU A 817 10.50 8.22 37.65
C GLU A 817 11.99 7.96 37.83
N LEU A 818 12.50 8.12 39.06
CA LEU A 818 13.90 7.81 39.30
C LEU A 818 14.22 6.39 38.91
N THR A 819 13.36 5.45 39.33
CA THR A 819 13.61 4.06 39.00
C THR A 819 13.62 3.89 37.48
N GLU A 820 12.64 4.49 36.81
CA GLU A 820 12.59 4.40 35.35
C GLU A 820 13.86 4.96 34.76
N THR A 821 14.34 6.06 35.31
CA THR A 821 15.53 6.72 34.78
C THR A 821 16.71 5.77 34.82
N GLN A 822 16.90 5.09 35.95
CA GLN A 822 18.02 4.17 36.04
C GLN A 822 17.94 3.09 34.96
N HIS A 823 16.74 2.56 34.72
CA HIS A 823 16.60 1.58 33.66
C HIS A 823 16.94 2.16 32.31
N MET A 824 16.49 3.39 32.03
CA MET A 824 16.92 4.02 30.79
C MET A 824 18.44 4.15 30.79
N ILE A 825 19.00 4.64 31.89
CA ILE A 825 20.46 4.70 32.00
C ILE A 825 21.03 3.29 31.85
N GLN A 826 20.37 2.31 32.48
CA GLN A 826 20.84 0.94 32.37
C GLN A 826 20.82 0.47 30.94
N ARG A 827 19.79 0.87 30.17
CA ARG A 827 19.78 0.56 28.75
C ARG A 827 20.97 1.20 28.06
N ARG A 828 21.21 2.47 28.34
CA ARG A 828 22.33 3.20 27.76
C ARG A 828 23.64 2.61 28.21
N ILE A 829 23.59 1.54 29.01
CA ILE A 829 24.78 0.82 29.42
C ILE A 829 25.03 -0.40 28.54
N MET A 830 24.04 -1.27 28.33
CA MET A 830 24.41 -2.41 27.50
C MET A 830 24.37 -2.09 26.01
N GLU A 831 23.60 -1.08 25.60
CA GLU A 831 23.48 -0.80 24.17
C GLU A 831 24.77 -0.22 23.61
N SER A 832 25.62 0.32 24.49
CA SER A 832 26.82 1.04 24.08
C SER A 832 27.91 0.08 23.63
N VAL A 833 28.65 0.50 22.59
CA VAL A 833 29.82 -0.24 22.16
C VAL A 833 30.86 -0.30 23.28
N ASN A 834 30.86 0.71 24.16
CA ASN A 834 31.86 0.75 25.23
C ASN A 834 31.55 -0.30 26.28
N GLY A 835 30.27 -0.49 26.59
CA GLY A 835 29.90 -1.67 27.35
C GLY A 835 30.35 -2.94 26.65
N LEU A 836 30.18 -2.98 25.32
CA LEU A 836 30.64 -4.13 24.55
C LEU A 836 32.15 -4.34 24.66
N LYS A 837 32.93 -3.31 25.03
CA LYS A 837 34.31 -3.61 25.36
C LYS A 837 34.45 -4.05 26.81
N SER A 838 33.65 -3.47 27.70
CA SER A 838 33.75 -3.84 29.10
C SER A 838 33.23 -5.24 29.35
N LEU A 839 32.29 -5.70 28.52
CA LEU A 839 31.62 -6.97 28.75
C LEU A 839 32.59 -8.08 28.37
N SER A 840 33.28 -8.62 29.37
CA SER A 840 34.23 -9.71 29.13
C SER A 840 34.50 -10.41 30.46
N ALA A 841 35.44 -11.35 30.45
CA ALA A 841 35.84 -12.02 31.67
C ALA A 841 36.47 -11.04 32.66
N GLY A 842 36.32 -11.35 33.94
CA GLY A 842 36.82 -10.47 34.97
C GLY A 842 35.92 -9.30 35.31
N ARG A 843 34.62 -9.45 35.10
CA ARG A 843 33.65 -8.39 35.35
C ARG A 843 32.66 -8.87 36.38
N VAL A 844 32.48 -8.10 37.45
CA VAL A 844 31.48 -8.36 38.46
C VAL A 844 30.24 -7.52 38.16
N VAL A 845 29.06 -8.14 38.26
CA VAL A 845 27.81 -7.46 37.98
C VAL A 845 26.81 -7.78 39.08
N VAL A 846 25.86 -6.86 39.27
CA VAL A 846 24.69 -7.09 40.11
C VAL A 846 23.51 -7.57 39.26
N VAL A 847 22.98 -8.74 39.61
CA VAL A 847 21.92 -9.42 38.85
C VAL A 847 20.56 -9.21 39.52
N LYS A 848 19.61 -8.66 38.77
CA LYS A 848 18.28 -8.34 39.27
C LYS A 848 17.23 -8.97 38.37
N ASN A 849 16.53 -9.97 38.90
CA ASN A 849 15.37 -10.55 38.23
C ASN A 849 14.48 -11.19 39.30
N GLN A 850 13.49 -11.97 38.88
CA GLN A 850 12.64 -12.65 39.86
C GLN A 850 13.40 -13.70 40.65
N GLU A 851 14.37 -14.37 40.06
CA GLU A 851 15.13 -15.35 40.81
C GLU A 851 16.16 -14.68 41.71
N HIS A 852 17.07 -13.89 41.15
CA HIS A 852 18.13 -13.24 41.90
C HIS A 852 17.78 -11.78 42.16
N HIS A 853 17.74 -11.42 43.44
CA HIS A 853 17.41 -10.09 43.93
C HIS A 853 18.68 -9.32 44.27
N ASN A 854 19.26 -8.67 43.26
CA ASN A 854 20.46 -7.86 43.43
C ASN A 854 21.60 -8.66 44.07
N ALA A 855 21.72 -9.92 43.69
CA ALA A 855 22.88 -10.72 44.07
C ALA A 855 24.09 -10.35 43.23
N LEU A 856 25.24 -10.25 43.89
CA LEU A 856 26.49 -9.95 43.19
C LEU A 856 26.98 -11.17 42.43
N GLY A 857 27.33 -10.98 41.16
CA GLY A 857 27.91 -12.04 40.38
C GLY A 857 29.10 -11.58 39.57
N VAL A 858 29.96 -12.53 39.24
CA VAL A 858 31.14 -12.33 38.40
C VAL A 858 30.97 -13.20 37.16
N ILE A 859 31.10 -12.57 36.00
CA ILE A 859 30.97 -13.26 34.71
C ILE A 859 32.17 -14.17 34.46
N LEU A 860 31.88 -15.39 34.00
CA LEU A 860 32.90 -16.35 33.60
C LEU A 860 33.29 -16.22 32.13
N GLN A 861 32.32 -16.04 31.24
CA GLN A 861 32.60 -15.95 29.82
C GLN A 861 31.52 -15.12 29.15
N VAL A 862 31.83 -14.62 27.96
CA VAL A 862 30.86 -13.93 27.11
C VAL A 862 30.58 -14.78 25.87
N SER A 863 29.29 -14.98 25.59
CA SER A 863 28.90 -15.86 24.49
C SER A 863 29.46 -15.37 23.17
N SER A 864 29.90 -16.32 22.33
CA SER A 864 30.42 -15.96 21.01
C SER A 864 29.34 -15.33 20.13
N ASN A 865 28.10 -15.80 20.24
CA ASN A 865 26.94 -15.24 19.54
C ASN A 865 26.51 -13.91 20.14
N SER A 866 26.95 -12.81 19.55
CA SER A 866 26.65 -11.49 20.10
C SER A 866 25.23 -11.01 19.83
N THR A 867 24.36 -11.88 19.32
CA THR A 867 22.96 -11.53 19.10
C THR A 867 22.13 -11.78 20.36
N SER A 868 22.16 -13.01 20.86
CA SER A 868 21.50 -13.41 22.11
C SER A 868 22.56 -13.47 23.19
N ARG A 869 22.76 -12.35 23.87
CA ARG A 869 23.84 -12.23 24.84
C ARG A 869 23.50 -13.07 26.06
N VAL A 870 23.95 -14.32 26.10
CA VAL A 870 23.79 -15.16 27.28
C VAL A 870 25.14 -15.26 28.00
N PHE A 871 25.16 -14.83 29.26
CA PHE A 871 26.37 -14.71 30.06
C PHE A 871 26.42 -15.81 31.11
N THR A 872 27.34 -16.75 30.97
CA THR A 872 27.57 -17.76 32.00
C THR A 872 28.29 -17.12 33.18
N THR A 873 27.57 -16.90 34.29
CA THR A 873 28.06 -16.03 35.34
C THR A 873 27.86 -16.69 36.71
N LEU A 874 28.91 -16.66 37.53
CA LEU A 874 28.82 -17.16 38.90
C LEU A 874 28.24 -16.09 39.80
N VAL A 875 27.09 -16.37 40.39
CA VAL A 875 26.39 -15.42 41.23
C VAL A 875 26.19 -16.07 42.59
N LEU A 876 26.51 -15.33 43.65
CA LEU A 876 26.24 -15.81 44.99
C LEU A 876 24.75 -15.76 45.28
N CYS A 877 24.24 -16.80 45.93
CA CYS A 877 22.90 -16.77 46.48
C CYS A 877 22.89 -17.56 47.79
N ASP A 878 21.83 -17.36 48.58
CA ASP A 878 21.65 -18.14 49.79
C ASP A 878 21.61 -19.61 49.43
N LYS A 879 22.29 -20.43 50.23
CA LYS A 879 22.18 -21.87 50.05
C LYS A 879 20.72 -22.30 50.18
N PRO A 880 20.20 -23.06 49.22
CA PRO A 880 18.75 -23.34 49.22
C PRO A 880 18.37 -24.26 50.37
N LEU A 881 17.68 -23.70 51.37
CA LEU A 881 17.16 -24.48 52.48
C LEU A 881 15.74 -24.96 52.23
N SER A 882 15.53 -25.62 51.09
CA SER A 882 14.22 -26.13 50.71
C SER A 882 14.38 -26.92 49.42
N GLN A 883 13.36 -27.74 49.12
CA GLN A 883 13.28 -28.45 47.85
C GLN A 883 11.87 -28.45 47.29
N ASP A 884 10.93 -27.76 47.92
CA ASP A 884 9.51 -27.85 47.61
C ASP A 884 8.97 -26.48 47.25
N PRO A 885 8.35 -26.33 46.08
CA PRO A 885 7.82 -25.01 45.68
C PRO A 885 6.53 -24.60 46.39
N GLN A 886 5.98 -25.43 47.28
CA GLN A 886 4.68 -25.09 47.83
C GLN A 886 4.76 -24.10 48.98
N ASP A 887 5.91 -23.98 49.64
CA ASP A 887 6.04 -22.99 50.70
C ASP A 887 6.31 -21.61 50.13
N ARG A 888 6.70 -21.53 48.86
CA ARG A 888 7.01 -20.27 48.21
C ARG A 888 5.71 -19.65 47.69
N GLY A 889 5.41 -18.43 48.13
CA GLY A 889 4.24 -17.74 47.62
C GLY A 889 4.39 -16.24 47.50
N PRO A 890 3.51 -15.63 46.69
CA PRO A 890 3.59 -14.18 46.47
C PRO A 890 3.44 -13.42 47.79
N ALA A 891 4.31 -12.45 48.01
CA ALA A 891 4.36 -11.72 49.27
C ALA A 891 4.08 -10.23 49.06
N THR A 892 4.21 -9.48 50.14
CA THR A 892 3.88 -8.06 50.16
C THR A 892 4.69 -7.27 49.14
N ALA A 893 4.00 -6.41 48.40
CA ALA A 893 4.66 -5.54 47.44
C ALA A 893 5.61 -4.61 48.17
N GLU A 894 6.91 -4.76 47.87
CA GLU A 894 7.96 -4.04 48.56
C GLU A 894 7.85 -2.54 48.29
N VAL A 895 7.43 -1.79 49.31
CA VAL A 895 7.41 -0.33 49.18
C VAL A 895 8.84 0.16 48.99
N PRO A 896 9.10 1.13 48.12
CA PRO A 896 10.46 1.70 48.07
C PRO A 896 10.81 2.63 49.22
N TYR A 897 11.65 2.16 50.12
CA TYR A 897 12.19 2.99 51.17
C TYR A 897 13.38 3.77 50.65
N PRO A 898 13.80 4.85 51.34
CA PRO A 898 15.05 5.51 50.95
C PRO A 898 16.24 4.57 50.86
N ASP A 899 16.34 3.58 51.75
CA ASP A 899 17.44 2.64 51.70
C ASP A 899 17.41 1.79 50.43
N ASP A 900 16.22 1.61 49.85
CA ASP A 900 16.09 0.86 48.62
C ASP A 900 16.23 1.70 47.36
N LEU A 901 16.03 3.01 47.45
CA LEU A 901 16.05 3.86 46.27
C LEU A 901 17.38 4.56 46.05
N VAL A 902 18.39 4.30 46.86
CA VAL A 902 19.71 4.88 46.64
C VAL A 902 20.62 3.72 46.23
N GLY A 903 20.84 3.59 44.94
CA GLY A 903 21.68 2.51 44.45
C GLY A 903 20.92 1.21 44.52
N PHE A 904 21.63 0.14 44.85
CA PHE A 904 21.07 -1.20 44.98
C PHE A 904 21.46 -1.79 46.34
N LYS A 905 20.46 -2.02 47.19
CA LYS A 905 20.73 -2.50 48.54
C LYS A 905 21.48 -3.83 48.46
N LEU A 906 22.71 -3.84 48.94
CA LEU A 906 23.57 -5.02 48.80
C LEU A 906 23.07 -6.14 49.69
N PHE A 907 22.51 -7.18 49.08
CA PHE A 907 22.00 -8.32 49.83
C PHE A 907 23.13 -9.07 50.53
N LEU A 908 22.96 -9.30 51.82
CA LEU A 908 23.87 -10.10 52.63
C LEU A 908 23.16 -11.39 53.00
N PRO A 909 23.60 -12.55 52.52
CA PRO A 909 22.84 -13.79 52.76
C PRO A 909 22.79 -14.15 54.24
N GLU A 910 21.57 -14.47 54.70
CA GLU A 910 21.33 -14.81 56.10
C GLU A 910 21.83 -16.21 56.43
N GLY A 911 22.05 -17.06 55.42
CA GLY A 911 22.50 -18.40 55.63
C GLY A 911 23.94 -18.54 55.17
N PRO A 912 24.40 -19.76 54.97
CA PRO A 912 25.77 -19.94 54.46
C PRO A 912 25.92 -19.41 53.04
N CYS A 913 27.16 -19.04 52.73
CA CYS A 913 27.50 -18.38 51.47
C CYS A 913 27.68 -19.44 50.39
N ASP A 914 26.58 -19.82 49.74
CA ASP A 914 26.67 -20.79 48.66
C ASP A 914 26.93 -20.05 47.34
N HIS A 915 26.86 -20.78 46.22
CA HIS A 915 27.04 -20.21 44.90
C HIS A 915 26.09 -20.88 43.92
N THR A 916 25.78 -20.15 42.85
CA THR A 916 25.21 -20.74 41.65
C THR A 916 25.94 -20.16 40.44
N VAL A 917 25.87 -20.85 39.32
CA VAL A 917 26.33 -20.32 38.04
C VAL A 917 25.15 -20.34 37.08
N VAL A 918 24.67 -19.15 36.73
CA VAL A 918 23.44 -18.98 35.98
C VAL A 918 23.76 -18.46 34.58
N LYS A 919 22.88 -18.78 33.64
CA LYS A 919 22.96 -18.26 32.27
C LYS A 919 22.12 -16.98 32.27
N LEU A 920 22.79 -15.84 32.41
CA LEU A 920 22.17 -14.55 32.59
C LEU A 920 21.87 -13.83 31.27
N GLN A 921 20.72 -13.10 31.23
CA GLN A 921 20.40 -12.20 30.13
C GLN A 921 20.96 -10.81 30.39
N PRO A 922 21.04 -9.97 29.35
CA PRO A 922 21.38 -8.54 29.57
C PRO A 922 20.40 -7.78 30.43
N GLY A 923 19.10 -8.07 30.36
CA GLY A 923 18.14 -7.33 31.15
C GLY A 923 18.04 -7.73 32.61
N ASP A 924 18.52 -8.91 32.97
CA ASP A 924 18.51 -9.38 34.35
C ASP A 924 19.64 -8.84 35.20
N MET A 925 20.57 -8.06 34.65
CA MET A 925 21.70 -7.55 35.42
C MET A 925 21.38 -6.13 35.86
N ALA A 926 21.38 -5.91 37.17
CA ALA A 926 21.05 -4.59 37.71
C ALA A 926 22.18 -3.59 37.47
N ALA A 927 23.43 -4.02 37.56
CA ALA A 927 24.49 -3.04 37.42
C ALA A 927 25.78 -3.69 36.94
N ILE A 928 26.61 -2.87 36.29
CA ILE A 928 27.96 -3.25 35.89
C ILE A 928 28.93 -2.64 36.89
N THR A 929 29.43 -3.43 37.82
CA THR A 929 30.27 -2.91 38.89
C THR A 929 31.65 -2.53 38.35
N THR A 930 32.29 -1.58 39.05
CA THR A 930 33.61 -1.10 38.64
C THR A 930 34.73 -2.10 38.93
N LYS A 931 34.52 -3.03 39.85
CA LYS A 931 35.62 -3.88 40.29
C LYS A 931 36.04 -4.84 39.19
N VAL A 932 37.34 -5.10 39.13
CA VAL A 932 37.97 -6.00 38.16
C VAL A 932 38.60 -7.14 38.95
N LEU A 933 37.94 -8.29 38.99
CA LEU A 933 38.46 -9.45 39.69
C LEU A 933 39.01 -10.43 38.65
N ARG A 934 40.35 -10.49 38.57
CA ARG A 934 41.04 -11.31 37.57
C ARG A 934 41.00 -12.77 38.01
N VAL A 935 39.82 -13.36 37.87
CA VAL A 935 39.64 -14.78 38.11
C VAL A 935 39.62 -15.47 36.76
N ASN A 936 40.06 -16.74 36.70
CA ASN A 936 40.16 -17.44 35.44
C ASN A 936 38.88 -18.23 35.24
N GLY A 937 38.08 -17.82 34.25
CA GLY A 937 36.81 -18.46 33.96
C GLY A 937 36.87 -19.92 33.51
N GLU A 938 37.88 -20.27 32.71
CA GLU A 938 37.93 -21.63 32.17
C GLU A 938 37.91 -22.72 33.24
N LYS A 939 38.74 -22.59 34.29
CA LYS A 939 38.70 -23.63 35.32
C LYS A 939 37.37 -23.65 36.06
N ILE A 940 36.75 -22.48 36.25
CA ILE A 940 35.46 -22.48 36.94
C ILE A 940 34.39 -23.14 36.07
N LEU A 941 34.47 -22.97 34.74
CA LEU A 941 33.55 -23.69 33.87
C LEU A 941 33.82 -25.19 33.89
N GLU A 942 35.09 -25.58 33.81
CA GLU A 942 35.49 -26.98 33.90
C GLU A 942 35.28 -27.58 35.27
N ASP A 943 34.83 -26.79 36.24
CA ASP A 943 34.47 -27.29 37.56
C ASP A 943 32.96 -27.30 37.77
N PHE A 944 32.29 -26.19 37.45
CA PHE A 944 30.83 -26.14 37.57
C PHE A 944 30.16 -27.12 36.62
N SER A 945 30.51 -27.06 35.32
CA SER A 945 29.87 -27.96 34.35
C SER A 945 30.18 -29.41 34.67
N LYS A 946 31.38 -29.67 35.18
CA LYS A 946 31.73 -31.01 35.61
C LYS A 946 30.86 -31.44 36.79
N ARG A 947 30.76 -30.57 37.79
CA ARG A 947 30.03 -30.89 39.00
C ARG A 947 28.53 -30.98 38.76
N GLN A 948 27.99 -30.29 37.75
CA GLN A 948 26.55 -30.19 37.64
C GLN A 948 25.91 -31.48 37.16
N GLN A 949 26.70 -32.54 37.05
CA GLN A 949 26.17 -33.89 37.06
C GLN A 949 25.45 -34.15 38.39
N PRO A 950 24.22 -34.66 38.36
CA PRO A 950 23.52 -34.95 39.63
C PRO A 950 24.30 -35.92 40.51
N LYS A 951 25.07 -36.81 39.89
CA LYS A 951 25.95 -37.73 40.58
C LYS A 951 27.21 -37.02 41.11
N PHE A 952 27.58 -35.91 40.50
CA PHE A 952 28.76 -35.13 40.85
C PHE A 952 28.45 -33.87 41.67
N LYS A 953 27.25 -33.80 42.26
CA LYS A 953 26.95 -32.69 43.14
C LYS A 953 27.83 -32.65 44.39
N LYS A 954 28.50 -33.76 44.72
CA LYS A 954 29.29 -33.84 45.95
C LYS A 954 30.79 -33.74 45.71
N ASP A 955 31.23 -33.12 44.61
CA ASP A 955 32.65 -32.93 44.42
C ASP A 955 33.22 -31.93 45.43
N PRO A 956 34.48 -32.09 45.81
CA PRO A 956 35.16 -31.08 46.63
C PRO A 956 35.26 -29.75 45.90
N PRO A 957 35.13 -28.64 46.60
CA PRO A 957 35.10 -27.34 45.91
C PRO A 957 36.47 -27.07 45.29
N LEU A 958 36.47 -26.34 44.18
CA LEU A 958 37.71 -25.88 43.58
C LEU A 958 38.15 -24.54 44.14
N ALA A 959 39.47 -24.32 44.14
CA ALA A 959 40.04 -23.19 44.86
C ALA A 959 39.58 -21.87 44.26
N ALA A 960 39.40 -21.83 42.95
CA ALA A 960 38.96 -20.61 42.29
C ALA A 960 37.56 -20.23 42.75
N VAL A 961 36.71 -21.23 42.96
CA VAL A 961 35.34 -20.95 43.39
C VAL A 961 35.34 -20.43 44.82
N THR A 962 36.07 -21.10 45.71
CA THR A 962 36.14 -20.63 47.09
C THR A 962 36.71 -19.22 47.16
N THR A 963 37.75 -18.95 46.38
CA THR A 963 38.36 -17.62 46.37
C THR A 963 37.38 -16.57 45.86
N ALA A 964 36.65 -16.91 44.79
CA ALA A 964 35.68 -15.97 44.24
C ALA A 964 34.57 -15.69 45.24
N VAL A 965 34.08 -16.74 45.93
CA VAL A 965 33.00 -16.55 46.89
C VAL A 965 33.45 -15.68 48.04
N GLN A 966 34.63 -15.95 48.61
CA GLN A 966 35.10 -15.14 49.72
C GLN A 966 35.35 -13.68 49.32
N GLU A 967 35.94 -13.46 48.13
CA GLU A 967 36.17 -12.09 47.70
C GLU A 967 34.86 -11.37 47.42
N LEU A 968 33.89 -12.07 46.82
CA LEU A 968 32.59 -11.46 46.58
C LEU A 968 31.93 -11.10 47.89
N LEU A 969 32.00 -11.98 48.88
CA LEU A 969 31.39 -11.68 50.17
C LEU A 969 32.04 -10.48 50.85
N ARG A 970 33.38 -10.38 50.82
CA ARG A 970 34.00 -9.20 51.42
C ARG A 970 33.59 -7.92 50.67
N LEU A 971 33.50 -7.98 49.35
CA LEU A 971 33.02 -6.82 48.60
C LEU A 971 31.58 -6.49 48.97
N ALA A 972 30.75 -7.52 49.20
CA ALA A 972 29.38 -7.30 49.61
C ALA A 972 29.32 -6.52 50.93
N GLN A 973 30.14 -6.93 51.91
CA GLN A 973 30.19 -6.16 53.14
C GLN A 973 30.77 -4.78 52.93
N ALA A 974 31.70 -4.64 51.98
CA ALA A 974 32.49 -3.42 51.86
C ALA A 974 31.75 -2.26 51.21
N HIS A 975 30.46 -2.41 50.87
CA HIS A 975 29.74 -1.26 50.33
C HIS A 975 28.37 -1.15 50.99
N PRO A 976 28.09 -0.03 51.64
CA PRO A 976 26.86 0.06 52.45
C PRO A 976 25.58 -0.10 51.64
N ALA A 977 25.56 0.44 50.43
CA ALA A 977 24.37 0.36 49.58
C ALA A 977 24.70 0.05 48.13
N GLY A 978 25.92 -0.36 47.82
CA GLY A 978 26.31 -0.59 46.45
C GLY A 978 27.44 0.32 46.02
N PRO A 979 28.49 -0.26 45.44
CA PRO A 979 29.63 0.53 45.02
C PRO A 979 29.30 1.36 43.79
N PRO A 980 30.02 2.45 43.56
CA PRO A 980 29.75 3.29 42.38
C PRO A 980 29.94 2.51 41.10
N THR A 981 29.09 2.81 40.12
CA THR A 981 29.21 2.17 38.82
C THR A 981 30.24 2.90 37.95
N LEU A 982 30.59 2.27 36.84
CA LEU A 982 31.51 2.82 35.85
C LEU A 982 30.80 3.92 35.08
N ASP A 983 31.00 5.17 35.50
CA ASP A 983 30.17 6.29 35.05
C ASP A 983 30.14 6.39 33.52
N PRO A 984 28.95 6.53 32.91
CA PRO A 984 28.85 6.60 31.45
C PRO A 984 29.67 7.71 30.79
N VAL A 985 29.74 8.88 31.41
CA VAL A 985 30.45 10.02 30.82
C VAL A 985 31.82 10.19 31.43
N ASN A 986 31.91 10.17 32.76
CA ASN A 986 33.14 10.52 33.43
C ASN A 986 34.05 9.31 33.60
N ASP A 987 33.59 8.12 33.21
CA ASP A 987 34.46 6.96 33.24
C ASP A 987 34.51 6.24 31.89
N LEU A 988 33.42 6.26 31.12
CA LEU A 988 33.48 5.69 29.79
C LEU A 988 33.78 6.70 28.69
N GLN A 989 33.96 7.98 29.05
CA GLN A 989 34.32 9.02 28.08
C GLN A 989 33.26 9.08 26.98
N LEU A 990 32.02 9.31 27.40
CA LEU A 990 30.89 9.49 26.51
C LEU A 990 30.36 10.91 26.64
N LYS A 991 29.50 11.29 25.70
CA LYS A 991 29.03 12.67 25.64
C LYS A 991 27.53 12.77 25.37
N ASP A 992 26.76 11.72 25.64
CA ASP A 992 25.33 11.80 25.42
C ASP A 992 24.72 12.71 26.47
N MET A 993 23.95 13.70 26.01
CA MET A 993 23.35 14.66 26.95
C MET A 993 22.32 14.00 27.85
N SER A 994 21.52 13.08 27.27
CA SER A 994 20.42 12.45 28.01
C SER A 994 20.91 11.76 29.27
N VAL A 995 22.09 11.14 29.21
CA VAL A 995 22.57 10.42 30.37
C VAL A 995 23.00 11.40 31.44
N VAL A 996 23.56 12.55 31.04
CA VAL A 996 23.93 13.55 32.03
C VAL A 996 22.70 14.13 32.71
N GLU A 997 21.64 14.48 31.96
CA GLU A 997 20.45 14.97 32.65
C GLU A 997 19.85 13.90 33.56
N GLY A 998 19.82 12.65 33.09
CA GLY A 998 19.33 11.58 33.95
C GLY A 998 20.13 11.42 35.23
N GLY A 999 21.46 11.48 35.14
CA GLY A 999 22.25 11.34 36.33
C GLY A 999 22.10 12.49 37.31
N LEU A 1000 22.00 13.73 36.80
CA LEU A 1000 21.79 14.85 37.70
C LEU A 1000 20.40 14.82 38.32
N ARG A 1001 19.40 14.41 37.54
CA ARG A 1001 18.05 14.29 38.08
C ARG A 1001 17.99 13.21 39.15
N ALA A 1002 18.65 12.08 38.91
CA ALA A 1002 18.76 11.04 39.92
C ALA A 1002 19.40 11.55 41.20
N ARG A 1003 20.51 12.28 41.07
CA ARG A 1003 21.17 12.85 42.25
C ARG A 1003 20.23 13.77 43.04
N LYS A 1004 19.49 14.63 42.32
CA LYS A 1004 18.59 15.53 43.03
C LYS A 1004 17.44 14.77 43.66
N LEU A 1005 16.95 13.74 42.99
CA LEU A 1005 15.85 12.96 43.57
C LEU A 1005 16.31 12.15 44.78
N GLU A 1006 17.51 11.56 44.74
CA GLU A 1006 18.00 10.86 45.93
C GLU A 1006 18.16 11.81 47.10
N GLU A 1007 18.76 12.98 46.88
CA GLU A 1007 18.89 13.92 48.00
C GLU A 1007 17.52 14.31 48.54
N LEU A 1008 16.54 14.53 47.66
CA LEU A 1008 15.20 14.90 48.11
C LEU A 1008 14.51 13.75 48.86
N ILE A 1009 14.60 12.53 48.35
CA ILE A 1009 13.96 11.38 48.99
C ILE A 1009 14.56 11.08 50.35
N GLN A 1010 15.86 11.38 50.53
CA GLN A 1010 16.45 11.05 51.83
C GLN A 1010 15.93 11.91 52.99
N GLY A 1011 14.91 12.73 52.86
CA GLY A 1011 14.40 13.49 54.00
C GLY A 1011 12.91 13.34 54.24
N ALA A 1012 12.28 12.34 53.64
CA ALA A 1012 10.84 12.21 53.70
C ALA A 1012 10.35 11.90 55.12
N GLN A 1013 9.22 12.48 55.49
CA GLN A 1013 8.57 12.26 56.78
C GLN A 1013 7.64 11.06 56.80
N CYS A 1014 7.07 10.68 55.64
CA CYS A 1014 6.17 9.53 55.57
C CYS A 1014 6.84 8.23 55.98
N VAL A 1015 8.15 8.11 55.74
CA VAL A 1015 8.86 6.89 56.07
C VAL A 1015 8.74 6.53 57.55
N HIS A 1016 8.45 7.49 58.41
CA HIS A 1016 8.33 7.25 59.83
C HIS A 1016 6.89 7.06 60.31
N SER A 1017 5.89 7.18 59.43
CA SER A 1017 4.54 7.03 59.93
C SER A 1017 4.19 5.57 60.21
N PRO A 1018 3.31 5.31 61.19
CA PRO A 1018 2.93 3.91 61.46
C PRO A 1018 2.17 3.25 60.33
N ARG A 1019 1.37 4.00 59.57
CA ARG A 1019 0.48 3.44 58.55
C ARG A 1019 0.97 3.82 57.17
N PHE A 1020 2.30 3.83 57.03
CA PHE A 1020 2.91 4.19 55.75
C PHE A 1020 2.62 3.19 54.64
N PRO A 1021 2.73 1.87 54.83
CA PRO A 1021 2.55 0.97 53.68
C PRO A 1021 1.14 0.92 53.12
N ALA A 1022 0.11 0.91 53.98
CA ALA A 1022 -1.24 0.62 53.49
C ALA A 1022 -1.78 1.76 52.63
N GLN A 1023 -1.87 2.96 53.22
CA GLN A 1023 -2.28 4.13 52.45
C GLN A 1023 -1.46 4.25 51.17
N TYR A 1024 -0.17 3.97 51.26
CA TYR A 1024 0.73 4.15 50.12
C TYR A 1024 0.37 3.19 48.99
N LEU A 1025 0.22 1.89 49.31
CA LEU A 1025 -0.14 0.93 48.29
C LEU A 1025 -1.52 1.25 47.70
N LYS A 1026 -2.46 1.69 48.53
CA LYS A 1026 -3.77 2.07 48.00
C LYS A 1026 -3.62 3.24 47.01
N LEU A 1027 -2.78 4.21 47.35
CA LEU A 1027 -2.48 5.29 46.43
C LEU A 1027 -1.84 4.76 45.15
N ARG A 1028 -0.97 3.75 45.28
CA ARG A 1028 -0.39 3.15 44.08
C ARG A 1028 -1.49 2.60 43.19
N GLU A 1029 -2.43 1.86 43.78
CA GLU A 1029 -3.47 1.23 42.99
C GLU A 1029 -4.28 2.29 42.25
N ARG A 1030 -4.69 3.34 42.98
CA ARG A 1030 -5.47 4.37 42.32
C ARG A 1030 -4.67 5.08 41.24
N MET A 1031 -3.38 5.34 41.47
CA MET A 1031 -2.58 6.04 40.46
C MET A 1031 -2.44 5.21 39.19
N GLN A 1032 -2.19 3.90 39.31
CA GLN A 1032 -2.16 3.09 38.10
C GLN A 1032 -3.51 3.09 37.40
N ILE A 1033 -4.60 2.97 38.17
CA ILE A 1033 -5.91 2.99 37.53
C ILE A 1033 -6.13 4.30 36.79
N GLN A 1034 -5.71 5.41 37.40
CA GLN A 1034 -5.85 6.72 36.76
C GLN A 1034 -5.04 6.80 35.48
N LYS A 1035 -3.80 6.31 35.52
CA LYS A 1035 -2.95 6.37 34.33
C LYS A 1035 -3.50 5.53 33.20
N GLU A 1036 -3.94 4.30 33.51
CA GLU A 1036 -4.53 3.47 32.46
C GLU A 1036 -5.83 4.06 31.94
N MET A 1037 -6.65 4.66 32.81
CA MET A 1037 -7.85 5.33 32.34
C MET A 1037 -7.51 6.47 31.39
N GLU A 1038 -6.50 7.27 31.73
CA GLU A 1038 -6.12 8.38 30.88
C GLU A 1038 -5.67 7.88 29.50
N ARG A 1039 -4.84 6.84 29.49
CA ARG A 1039 -4.42 6.29 28.20
C ARG A 1039 -5.61 5.75 27.44
N LEU A 1040 -6.53 5.07 28.14
CA LEU A 1040 -7.70 4.50 27.50
C LEU A 1040 -8.57 5.57 26.87
N ARG A 1041 -8.82 6.66 27.60
CA ARG A 1041 -9.62 7.73 27.04
C ARG A 1041 -8.93 8.39 25.87
N PHE A 1042 -7.60 8.53 25.94
CA PHE A 1042 -6.90 9.13 24.80
C PHE A 1042 -7.05 8.26 23.56
N LEU A 1043 -6.94 6.94 23.73
CA LEU A 1043 -7.11 6.04 22.58
C LEU A 1043 -8.51 6.14 22.01
N LEU A 1044 -9.50 6.41 22.85
CA LEU A 1044 -10.86 6.61 22.41
C LEU A 1044 -11.16 8.06 22.04
N SER A 1045 -10.18 8.95 22.25
CA SER A 1045 -10.39 10.38 22.05
C SER A 1045 -10.23 10.70 20.57
N ASP A 1046 -10.19 11.99 20.26
CA ASP A 1046 -10.16 12.45 18.87
C ASP A 1046 -8.75 12.79 18.42
N GLN A 1047 -7.86 13.11 19.36
CA GLN A 1047 -6.47 13.40 19.05
C GLN A 1047 -5.70 12.19 18.54
N SER A 1048 -6.27 10.99 18.67
CA SER A 1048 -5.59 9.78 18.22
C SER A 1048 -5.34 9.80 16.72
N LEU A 1049 -6.25 10.40 15.96
CA LEU A 1049 -6.12 10.45 14.50
C LEU A 1049 -4.76 11.01 14.10
N LEU A 1050 -4.01 10.23 13.32
CA LEU A 1050 -2.63 10.59 13.01
C LEU A 1050 -2.55 11.88 12.21
N LEU A 1051 -3.51 12.11 11.32
CA LEU A 1051 -3.43 13.20 10.35
C LEU A 1051 -4.14 14.47 10.83
N LEU A 1052 -4.57 14.51 12.08
CA LEU A 1052 -5.35 15.65 12.57
C LEU A 1052 -4.60 16.97 12.47
N PRO A 1053 -3.31 17.08 12.87
CA PRO A 1053 -2.62 18.36 12.67
C PRO A 1053 -2.58 18.78 11.22
N GLU A 1054 -2.54 17.83 10.28
CA GLU A 1054 -2.52 18.21 8.88
C GLU A 1054 -3.89 18.68 8.42
N TYR A 1055 -4.95 18.09 9.00
CA TYR A 1055 -6.28 18.61 8.75
C TYR A 1055 -6.41 20.04 9.24
N HIS A 1056 -5.89 20.33 10.44
CA HIS A 1056 -5.97 21.68 10.96
C HIS A 1056 -5.16 22.66 10.11
N GLN A 1057 -3.96 22.25 9.68
CA GLN A 1057 -3.15 23.14 8.86
C GLN A 1057 -3.78 23.42 7.51
N ARG A 1058 -4.34 22.40 6.87
CA ARG A 1058 -5.03 22.61 5.61
C ARG A 1058 -6.26 23.49 5.80
N VAL A 1059 -7.02 23.27 6.87
CA VAL A 1059 -8.19 24.11 7.10
C VAL A 1059 -7.77 25.56 7.30
N GLU A 1060 -6.67 25.77 8.02
CA GLU A 1060 -6.20 27.14 8.24
C GLU A 1060 -5.77 27.80 6.92
N VAL A 1061 -5.01 27.09 6.09
CA VAL A 1061 -4.60 27.69 4.82
C VAL A 1061 -5.81 27.92 3.91
N LEU A 1062 -6.80 27.02 3.98
CA LEU A 1062 -8.03 27.20 3.23
C LEU A 1062 -8.75 28.47 3.67
N ARG A 1063 -8.80 28.70 4.98
CA ARG A 1063 -9.51 29.86 5.52
C ARG A 1063 -8.72 31.13 5.32
N THR A 1064 -7.41 31.02 5.08
CA THR A 1064 -6.59 32.18 4.81
C THR A 1064 -6.88 32.74 3.43
N LEU A 1065 -7.09 31.87 2.45
CA LEU A 1065 -7.78 32.30 1.24
C LEU A 1065 -9.25 32.52 1.56
N GLY A 1066 -9.97 33.10 0.60
CA GLY A 1066 -11.34 33.47 0.85
C GLY A 1066 -12.34 32.38 0.53
N TYR A 1067 -12.16 31.18 1.09
CA TYR A 1067 -13.02 30.06 0.73
C TYR A 1067 -13.90 29.59 1.86
N VAL A 1068 -13.52 29.83 3.11
CA VAL A 1068 -14.28 29.36 4.27
C VAL A 1068 -14.25 30.44 5.34
N ASP A 1069 -15.42 30.84 5.81
CA ASP A 1069 -15.52 31.82 6.88
C ASP A 1069 -15.00 31.21 8.19
N GLU A 1070 -14.86 32.06 9.20
CA GLU A 1070 -14.56 31.59 10.55
C GLU A 1070 -15.64 30.64 11.04
N ALA A 1071 -15.23 29.68 11.87
CA ALA A 1071 -16.11 28.64 12.38
C ALA A 1071 -16.67 27.76 11.26
N GLY A 1072 -15.89 27.62 10.19
CA GLY A 1072 -16.12 26.62 9.17
C GLY A 1072 -17.47 26.69 8.47
N THR A 1073 -17.70 27.78 7.72
CA THR A 1073 -18.84 27.87 6.82
C THR A 1073 -18.32 28.24 5.44
N VAL A 1074 -18.72 27.47 4.42
CA VAL A 1074 -18.15 27.62 3.10
C VAL A 1074 -18.59 28.95 2.50
N LYS A 1075 -17.64 29.66 1.90
CA LYS A 1075 -17.95 30.90 1.19
C LYS A 1075 -18.10 30.62 -0.30
N LEU A 1076 -18.33 31.69 -1.06
CA LEU A 1076 -18.67 31.51 -2.47
C LEU A 1076 -17.51 30.91 -3.25
N ALA A 1077 -16.29 31.37 -2.99
CA ALA A 1077 -15.11 30.79 -3.63
C ALA A 1077 -14.98 29.30 -3.31
N GLY A 1078 -15.35 28.91 -2.09
CA GLY A 1078 -15.33 27.50 -1.75
C GLY A 1078 -16.33 26.70 -2.57
N ARG A 1079 -17.53 27.25 -2.74
CA ARG A 1079 -18.54 26.56 -3.53
C ARG A 1079 -18.19 26.54 -5.00
N VAL A 1080 -17.35 27.48 -5.45
CA VAL A 1080 -16.85 27.43 -6.81
C VAL A 1080 -15.78 26.34 -6.94
N ALA A 1081 -14.87 26.27 -5.97
CA ALA A 1081 -13.80 25.29 -6.01
C ALA A 1081 -14.27 23.88 -5.67
N CYS A 1082 -15.52 23.73 -5.22
CA CYS A 1082 -16.04 22.41 -4.91
C CYS A 1082 -16.18 21.57 -6.18
N ALA A 1083 -16.91 22.09 -7.16
CA ALA A 1083 -17.20 21.33 -8.38
C ALA A 1083 -16.12 21.60 -9.43
N MET A 1084 -14.94 21.04 -9.17
CA MET A 1084 -13.81 21.15 -10.06
C MET A 1084 -13.09 19.80 -10.11
N SER A 1085 -12.53 19.49 -11.28
CA SER A 1085 -11.95 18.15 -11.48
C SER A 1085 -10.61 18.02 -10.75
N SER A 1086 -9.64 18.85 -11.11
CA SER A 1086 -8.32 18.78 -10.50
C SER A 1086 -7.76 20.19 -10.42
N HIS A 1087 -6.79 20.37 -9.52
CA HIS A 1087 -6.17 21.67 -9.28
C HIS A 1087 -7.25 22.73 -9.05
N GLU A 1088 -8.21 22.41 -8.20
CA GLU A 1088 -9.34 23.31 -7.99
C GLU A 1088 -8.89 24.67 -7.46
N LEU A 1089 -7.97 24.68 -6.52
CA LEU A 1089 -7.51 25.94 -5.93
C LEU A 1089 -6.89 26.84 -7.00
N LEU A 1090 -5.96 26.30 -7.77
CA LEU A 1090 -5.26 27.12 -8.76
C LEU A 1090 -6.21 27.59 -9.84
N LEU A 1091 -7.08 26.70 -10.34
CA LEU A 1091 -7.98 27.09 -11.42
C LEU A 1091 -8.96 28.16 -10.97
N THR A 1092 -9.56 27.98 -9.80
CA THR A 1092 -10.52 28.98 -9.35
C THR A 1092 -9.84 30.30 -8.99
N GLU A 1093 -8.65 30.27 -8.40
CA GLU A 1093 -7.96 31.53 -8.13
C GLU A 1093 -7.60 32.25 -9.42
N LEU A 1094 -7.11 31.50 -10.42
CA LEU A 1094 -6.79 32.10 -11.72
C LEU A 1094 -8.03 32.67 -12.38
N MET A 1095 -9.15 31.95 -12.28
CA MET A 1095 -10.39 32.42 -12.88
C MET A 1095 -10.85 33.70 -12.22
N PHE A 1096 -10.77 33.76 -10.89
CA PHE A 1096 -11.27 34.93 -10.17
C PHE A 1096 -10.43 36.15 -10.50
N ASP A 1097 -9.11 36.01 -10.52
CA ASP A 1097 -8.25 37.08 -10.99
C ASP A 1097 -8.55 37.34 -12.48
N ASN A 1098 -8.06 38.49 -12.98
CA ASN A 1098 -8.35 38.90 -14.35
C ASN A 1098 -7.24 38.53 -15.32
N ALA A 1099 -6.50 37.44 -15.05
CA ALA A 1099 -5.41 37.06 -15.94
C ALA A 1099 -5.95 36.54 -17.27
N LEU A 1100 -6.74 35.48 -17.22
CA LEU A 1100 -7.18 34.77 -18.41
C LEU A 1100 -8.29 35.50 -19.15
N SER A 1101 -9.09 36.29 -18.43
CA SER A 1101 -10.30 36.87 -18.97
C SER A 1101 -10.06 37.67 -20.26
N THR A 1102 -8.87 38.26 -20.40
CA THR A 1102 -8.59 39.21 -21.48
C THR A 1102 -7.76 38.59 -22.59
N LEU A 1103 -7.99 37.31 -22.90
CA LEU A 1103 -7.24 36.65 -23.97
C LEU A 1103 -8.19 36.09 -25.01
N ARG A 1104 -7.61 35.63 -26.12
CA ARG A 1104 -8.37 35.01 -27.18
C ARG A 1104 -8.86 33.61 -26.79
N PRO A 1105 -9.94 33.14 -27.39
CA PRO A 1105 -10.38 31.76 -27.11
C PRO A 1105 -9.43 30.73 -27.68
N GLU A 1106 -8.68 31.06 -28.72
CA GLU A 1106 -7.70 30.14 -29.28
C GLU A 1106 -6.40 30.18 -28.51
N GLU A 1107 -6.33 31.00 -27.45
CA GLU A 1107 -5.18 31.11 -26.58
C GLU A 1107 -5.44 30.56 -25.18
N ILE A 1108 -6.69 30.55 -24.72
CA ILE A 1108 -6.99 30.02 -23.40
C ILE A 1108 -6.75 28.52 -23.38
N ALA A 1109 -6.95 27.84 -24.51
CA ALA A 1109 -6.63 26.41 -24.59
C ALA A 1109 -5.14 26.19 -24.40
N ALA A 1110 -4.32 27.08 -24.97
CA ALA A 1110 -2.88 26.92 -24.81
C ALA A 1110 -2.45 27.27 -23.40
N LEU A 1111 -3.13 28.23 -22.77
CA LEU A 1111 -2.83 28.54 -21.37
C LEU A 1111 -3.17 27.36 -20.47
N LEU A 1112 -4.30 26.71 -20.71
CA LEU A 1112 -4.68 25.54 -19.90
C LEU A 1112 -3.93 24.27 -20.28
N SER A 1113 -3.22 24.27 -21.41
CA SER A 1113 -2.45 23.09 -21.79
C SER A 1113 -1.25 22.82 -20.89
N GLY A 1114 -0.86 23.77 -20.05
CA GLY A 1114 0.26 23.56 -19.15
C GLY A 1114 -0.03 22.73 -17.92
N LEU A 1115 -1.31 22.41 -17.67
CA LEU A 1115 -1.71 21.62 -16.53
C LEU A 1115 -1.87 20.14 -16.81
N VAL A 1116 -1.76 19.71 -18.06
CA VAL A 1116 -2.24 18.38 -18.44
C VAL A 1116 -1.19 17.51 -19.10
N CYS A 1117 -0.16 18.07 -19.72
CA CYS A 1117 0.62 17.29 -20.68
C CYS A 1117 1.27 16.08 -20.02
N GLN A 1118 1.87 16.28 -18.85
CA GLN A 1118 2.61 15.24 -18.16
C GLN A 1118 3.61 14.61 -19.12
N SER A 1119 4.42 15.48 -19.70
CA SER A 1119 5.40 15.13 -20.71
C SER A 1119 6.62 16.01 -20.51
N PRO A 1120 7.79 15.58 -20.98
CA PRO A 1120 8.97 16.46 -20.87
C PRO A 1120 8.66 17.81 -21.49
N GLY A 1121 8.98 18.87 -20.75
CA GLY A 1121 8.53 20.20 -21.10
C GLY A 1121 9.61 21.16 -21.53
N ASP A 1122 9.22 22.19 -22.27
CA ASP A 1122 10.16 23.21 -22.73
C ASP A 1122 9.37 24.47 -23.06
N ALA A 1123 10.12 25.54 -23.31
CA ALA A 1123 9.55 26.80 -23.76
C ALA A 1123 9.40 26.76 -25.28
N GLY A 1124 9.07 27.92 -25.86
CA GLY A 1124 8.89 28.02 -27.29
C GLY A 1124 9.59 29.26 -27.82
N ASP A 1125 9.65 29.34 -29.15
CA ASP A 1125 10.20 30.52 -29.82
C ASP A 1125 9.16 31.26 -30.63
N GLN A 1126 8.43 30.59 -31.50
CA GLN A 1126 7.46 31.24 -32.37
C GLN A 1126 6.11 31.29 -31.64
N LEU A 1127 6.08 32.17 -30.63
CA LEU A 1127 4.89 32.38 -29.83
C LEU A 1127 4.56 33.87 -29.76
N PRO A 1128 3.29 34.24 -29.74
CA PRO A 1128 2.93 35.66 -29.60
C PRO A 1128 3.46 36.22 -28.29
N ASN A 1129 3.38 37.55 -28.18
CA ASN A 1129 3.77 38.18 -26.93
C ASN A 1129 2.80 37.86 -25.81
N THR A 1130 1.50 37.81 -26.13
CA THR A 1130 0.47 37.69 -25.09
C THR A 1130 0.63 36.40 -24.30
N LEU A 1131 0.90 35.30 -25.00
CA LEU A 1131 1.15 34.04 -24.32
C LEU A 1131 2.40 34.17 -23.47
N LYS A 1132 3.40 34.88 -24.00
CA LYS A 1132 4.67 35.03 -23.32
C LYS A 1132 4.57 35.90 -22.07
N GLN A 1133 3.55 36.73 -21.89
CA GLN A 1133 3.41 37.35 -20.56
C GLN A 1133 2.44 36.60 -19.66
N GLY A 1134 1.44 35.95 -20.25
CA GLY A 1134 0.56 35.12 -19.47
C GLY A 1134 1.28 33.97 -18.78
N ILE A 1135 2.31 33.40 -19.42
CA ILE A 1135 3.08 32.36 -18.73
C ILE A 1135 3.75 32.88 -17.45
N GLU A 1136 4.36 34.07 -17.45
CA GLU A 1136 4.91 34.55 -16.18
C GLU A 1136 3.80 34.82 -15.18
N ARG A 1137 2.67 35.35 -15.65
CA ARG A 1137 1.59 35.61 -14.71
C ARG A 1137 1.12 34.32 -14.03
N VAL A 1138 0.91 33.26 -14.82
CA VAL A 1138 0.46 32.00 -14.24
C VAL A 1138 1.52 31.45 -13.28
N ARG A 1139 2.80 31.53 -13.68
CA ARG A 1139 3.86 31.01 -12.82
C ARG A 1139 3.97 31.82 -11.53
N ALA A 1140 3.72 33.13 -11.60
CA ALA A 1140 3.74 33.97 -10.42
C ALA A 1140 2.59 33.59 -9.49
N VAL A 1141 1.43 33.27 -10.07
CA VAL A 1141 0.31 32.84 -9.27
C VAL A 1141 0.64 31.52 -8.58
N ALA A 1142 1.33 30.62 -9.30
CA ALA A 1142 1.73 29.37 -8.69
C ALA A 1142 2.73 29.60 -7.56
N LYS A 1143 3.65 30.55 -7.73
CA LYS A 1143 4.58 30.89 -6.66
C LYS A 1143 3.85 31.44 -5.46
N ARG A 1144 2.83 32.27 -5.68
CA ARG A 1144 2.06 32.83 -4.59
C ARG A 1144 1.31 31.73 -3.84
N ILE A 1145 0.73 30.79 -4.58
CA ILE A 1145 -0.01 29.71 -3.95
C ILE A 1145 0.93 28.82 -3.14
N GLY A 1146 2.10 28.51 -3.69
CA GLY A 1146 3.05 27.72 -2.92
C GLY A 1146 3.58 28.45 -1.71
N GLU A 1147 3.69 29.78 -1.79
CA GLU A 1147 4.16 30.54 -0.63
C GLU A 1147 3.12 30.64 0.46
N VAL A 1148 1.83 30.68 0.10
CA VAL A 1148 0.80 30.64 1.13
C VAL A 1148 0.60 29.22 1.64
N GLN A 1149 0.99 28.22 0.84
CA GLN A 1149 0.94 26.84 1.29
C GLN A 1149 2.02 26.58 2.33
N VAL A 1150 3.26 26.97 2.03
CA VAL A 1150 4.39 26.67 2.89
C VAL A 1150 4.41 27.55 4.14
N ALA A 1151 3.68 28.65 4.13
CA ALA A 1151 3.63 29.57 5.26
C ALA A 1151 2.55 29.22 6.28
N CYS A 1152 1.98 28.04 6.20
CA CYS A 1152 0.90 27.64 7.10
C CYS A 1152 1.26 26.47 7.99
N GLY A 1153 2.13 25.58 7.55
CA GLY A 1153 2.53 24.43 8.34
C GLY A 1153 2.64 23.20 7.46
N LEU A 1154 2.10 23.32 6.25
CA LEU A 1154 2.19 22.26 5.27
C LEU A 1154 3.63 22.03 4.87
N ASN A 1155 3.94 20.80 4.49
CA ASN A 1155 5.26 20.41 4.04
C ASN A 1155 5.17 20.07 2.56
N GLN A 1156 5.29 21.12 1.73
CA GLN A 1156 5.44 20.95 0.29
C GLN A 1156 6.14 22.21 -0.23
N THR A 1157 7.40 22.07 -0.62
CA THR A 1157 8.20 23.23 -0.95
C THR A 1157 7.66 23.91 -2.20
N VAL A 1158 7.88 25.23 -2.28
CA VAL A 1158 7.26 26.01 -3.35
C VAL A 1158 7.71 25.50 -4.71
N GLU A 1159 8.98 25.11 -4.82
CA GLU A 1159 9.51 24.60 -6.09
C GLU A 1159 8.85 23.29 -6.50
N GLU A 1160 8.65 22.36 -5.55
CA GLU A 1160 8.04 21.09 -5.93
C GLU A 1160 6.58 21.27 -6.33
N PHE A 1161 5.90 22.24 -5.71
CA PHE A 1161 4.52 22.51 -6.11
C PHE A 1161 4.47 23.17 -7.48
N VAL A 1162 5.37 24.13 -7.73
CA VAL A 1162 5.31 24.86 -8.99
C VAL A 1162 5.90 24.03 -10.13
N GLY A 1163 6.62 22.96 -9.83
CA GLY A 1163 7.15 22.12 -10.89
C GLY A 1163 6.11 21.23 -11.52
N GLU A 1164 4.91 21.18 -10.95
CA GLU A 1164 3.82 20.45 -11.57
C GLU A 1164 3.35 21.18 -12.83
N LEU A 1165 3.52 22.51 -12.85
CA LEU A 1165 3.28 23.31 -14.04
C LEU A 1165 4.31 22.95 -15.09
N ASN A 1166 3.91 22.22 -16.12
CA ASN A 1166 4.85 21.77 -17.16
C ASN A 1166 4.34 22.15 -18.54
N PHE A 1167 4.67 23.37 -18.98
CA PHE A 1167 4.34 23.81 -20.32
C PHE A 1167 5.23 23.08 -21.34
N GLY A 1168 4.84 23.16 -22.60
CA GLY A 1168 5.57 22.43 -23.63
C GLY A 1168 4.71 21.82 -24.71
N LEU A 1169 3.39 21.81 -24.49
CA LEU A 1169 2.43 21.55 -25.56
C LEU A 1169 1.61 22.78 -25.90
N VAL A 1170 2.03 23.97 -25.47
CA VAL A 1170 1.26 25.17 -25.74
C VAL A 1170 1.22 25.46 -27.24
N GLU A 1171 2.35 25.32 -27.92
CA GLU A 1171 2.39 25.64 -29.35
C GLU A 1171 1.58 24.64 -30.14
N VAL A 1172 1.59 23.37 -29.73
CA VAL A 1172 0.92 22.33 -30.50
C VAL A 1172 -0.59 22.47 -30.36
N VAL A 1173 -1.06 22.74 -29.15
CA VAL A 1173 -2.50 22.93 -28.96
C VAL A 1173 -2.95 24.23 -29.61
N TYR A 1174 -2.12 25.28 -29.57
CA TYR A 1174 -2.50 26.54 -30.19
C TYR A 1174 -2.62 26.39 -31.70
N GLU A 1175 -1.72 25.62 -32.31
CA GLU A 1175 -1.83 25.41 -33.75
C GLU A 1175 -2.95 24.44 -34.09
N TRP A 1176 -3.23 23.48 -33.21
CA TRP A 1176 -4.28 22.50 -33.46
C TRP A 1176 -5.67 23.12 -33.37
N ALA A 1177 -5.85 24.06 -32.44
CA ALA A 1177 -7.16 24.70 -32.29
C ALA A 1177 -7.29 25.94 -33.16
N ARG A 1178 -6.98 25.76 -34.45
CA ARG A 1178 -7.31 26.74 -35.48
C ARG A 1178 -7.90 26.13 -36.74
N GLY A 1179 -7.66 24.86 -37.02
CA GLY A 1179 -8.16 24.19 -38.21
C GLY A 1179 -7.02 23.51 -38.95
N MET A 1180 -5.87 23.50 -38.32
CA MET A 1180 -4.66 22.94 -38.92
C MET A 1180 -4.69 21.41 -38.81
N PRO A 1181 -4.54 20.68 -39.92
CA PRO A 1181 -4.59 19.22 -39.88
C PRO A 1181 -3.42 18.54 -39.19
N PHE A 1182 -3.65 17.26 -38.89
CA PHE A 1182 -2.81 16.48 -37.98
C PHE A 1182 -1.38 16.32 -38.50
N SER A 1183 -1.19 16.20 -39.82
CA SER A 1183 0.13 15.87 -40.34
C SER A 1183 1.17 16.90 -39.94
N GLU A 1184 0.81 18.20 -40.02
CA GLU A 1184 1.74 19.24 -39.60
C GLU A 1184 2.05 19.11 -38.11
N LEU A 1185 1.05 18.72 -37.30
CA LEU A 1185 1.33 18.46 -35.89
C LEU A 1185 2.34 17.35 -35.72
N ALA A 1186 2.19 16.27 -36.50
CA ALA A 1186 3.13 15.16 -36.42
C ALA A 1186 4.54 15.61 -36.78
N GLY A 1187 4.67 16.40 -37.84
CA GLY A 1187 5.97 16.90 -38.21
C GLY A 1187 6.58 17.84 -37.17
N LEU A 1188 5.76 18.74 -36.63
CA LEU A 1188 6.21 19.84 -35.77
C LEU A 1188 7.28 19.42 -34.76
N SER A 1189 6.98 18.41 -33.95
CA SER A 1189 7.84 18.05 -32.83
C SER A 1189 7.86 16.54 -32.65
N GLY A 1190 8.86 16.08 -31.91
CA GLY A 1190 9.06 14.66 -31.68
C GLY A 1190 8.37 14.11 -30.44
N THR A 1191 7.04 14.04 -30.45
CA THR A 1191 6.34 13.30 -29.41
C THR A 1191 5.29 12.40 -30.03
N PRO A 1192 5.14 11.17 -29.53
CA PRO A 1192 4.18 10.23 -30.13
C PRO A 1192 2.77 10.78 -30.07
N GLU A 1193 2.05 10.62 -31.18
CA GLU A 1193 0.73 11.24 -31.36
C GLU A 1193 -0.36 10.63 -30.50
N GLY A 1194 -0.08 9.68 -29.61
CA GLY A 1194 -1.11 9.28 -28.67
C GLY A 1194 -1.10 10.12 -27.40
N LEU A 1195 0.09 10.47 -26.94
CA LEU A 1195 0.19 11.29 -25.75
C LEU A 1195 -0.23 12.73 -26.01
N VAL A 1196 -0.42 13.09 -27.28
CA VAL A 1196 -0.95 14.41 -27.64
C VAL A 1196 -2.47 14.37 -27.74
N VAL A 1197 -3.00 13.34 -28.40
CA VAL A 1197 -4.45 13.25 -28.52
C VAL A 1197 -5.07 13.05 -27.15
N ARG A 1198 -4.40 12.32 -26.25
CA ARG A 1198 -4.94 12.12 -24.91
C ARG A 1198 -4.98 13.43 -24.16
N CYS A 1199 -3.98 14.27 -24.37
CA CYS A 1199 -3.95 15.57 -23.73
C CYS A 1199 -5.06 16.44 -24.27
N ILE A 1200 -5.36 16.32 -25.57
CA ILE A 1200 -6.39 17.18 -26.13
C ILE A 1200 -7.77 16.82 -25.57
N GLN A 1201 -8.09 15.53 -25.41
CA GLN A 1201 -9.39 15.31 -24.76
C GLN A 1201 -9.34 15.71 -23.31
N ARG A 1202 -8.16 15.59 -22.69
CA ARG A 1202 -8.02 15.94 -21.29
C ARG A 1202 -8.16 17.43 -21.09
N LEU A 1203 -7.99 18.21 -22.15
CA LEU A 1203 -8.11 19.65 -22.10
C LEU A 1203 -9.54 20.04 -22.42
N ALA A 1204 -10.16 19.25 -23.31
CA ALA A 1204 -11.55 19.47 -23.65
C ALA A 1204 -12.46 19.06 -22.51
N GLU A 1205 -11.93 18.41 -21.48
CA GLU A 1205 -12.75 18.14 -20.31
C GLU A 1205 -12.64 19.22 -19.24
N MET A 1206 -11.71 20.14 -19.38
CA MET A 1206 -11.69 21.30 -18.47
C MET A 1206 -12.37 22.47 -19.14
N CYS A 1207 -12.19 22.61 -20.44
CA CYS A 1207 -13.00 23.66 -21.04
C CYS A 1207 -14.47 23.27 -21.09
N ARG A 1208 -14.81 22.12 -20.50
CA ARG A 1208 -16.18 21.73 -20.23
C ARG A 1208 -16.52 21.61 -18.75
N SER A 1209 -15.53 21.43 -17.86
CA SER A 1209 -15.77 21.52 -16.42
C SER A 1209 -15.77 22.96 -15.94
N LEU A 1210 -15.32 23.89 -16.78
CA LEU A 1210 -15.42 25.32 -16.54
C LEU A 1210 -16.80 25.88 -16.88
N ARG A 1211 -17.57 25.21 -17.74
CA ARG A 1211 -18.96 25.62 -17.95
C ARG A 1211 -19.75 25.64 -16.65
N GLY A 1212 -19.39 24.81 -15.68
CA GLY A 1212 -20.11 24.85 -14.41
C GLY A 1212 -19.74 26.01 -13.52
N ALA A 1213 -18.52 26.53 -13.62
CA ALA A 1213 -18.18 27.66 -12.76
C ALA A 1213 -18.41 29.02 -13.42
N ALA A 1214 -18.26 29.10 -14.75
CA ALA A 1214 -18.51 30.37 -15.41
C ALA A 1214 -19.99 30.72 -15.42
N ARG A 1215 -20.86 29.72 -15.31
CA ARG A 1215 -22.29 29.95 -15.25
C ARG A 1215 -22.77 30.17 -13.83
N LEU A 1216 -21.91 29.94 -12.85
CA LEU A 1216 -22.27 30.14 -11.45
C LEU A 1216 -21.73 31.43 -10.87
N VAL A 1217 -20.52 31.85 -11.24
CA VAL A 1217 -20.05 33.13 -10.72
C VAL A 1217 -20.85 34.28 -11.32
N GLY A 1218 -21.17 34.17 -12.61
CA GLY A 1218 -21.86 35.22 -13.32
C GLY A 1218 -20.97 35.98 -14.28
N GLU A 1219 -19.99 35.31 -14.89
CA GLU A 1219 -19.13 35.97 -15.84
C GLU A 1219 -19.39 35.32 -17.20
N PRO A 1220 -20.46 35.72 -17.89
CA PRO A 1220 -20.83 35.08 -19.17
C PRO A 1220 -19.96 35.40 -20.38
N VAL A 1221 -18.86 36.15 -20.32
CA VAL A 1221 -18.08 36.32 -21.54
C VAL A 1221 -16.88 35.39 -21.66
N LEU A 1222 -16.32 34.90 -20.56
CA LEU A 1222 -15.35 33.84 -20.73
C LEU A 1222 -16.07 32.55 -21.08
N GLY A 1223 -17.32 32.42 -20.61
CA GLY A 1223 -18.09 31.25 -20.96
C GLY A 1223 -18.37 31.25 -22.44
N ALA A 1224 -18.69 32.43 -22.98
CA ALA A 1224 -18.98 32.58 -24.40
C ALA A 1224 -17.72 32.53 -25.25
N LYS A 1225 -16.53 32.56 -24.66
CA LYS A 1225 -15.33 32.35 -25.46
C LYS A 1225 -14.82 30.92 -25.40
N MET A 1226 -14.96 30.28 -24.23
CA MET A 1226 -14.60 28.89 -24.02
C MET A 1226 -15.63 27.90 -24.55
N GLU A 1227 -16.88 28.32 -24.75
CA GLU A 1227 -17.85 27.45 -25.41
C GLU A 1227 -17.70 27.49 -26.92
N THR A 1228 -16.84 28.37 -27.40
CA THR A 1228 -16.36 28.41 -28.78
C THR A 1228 -15.03 27.68 -28.92
N ALA A 1229 -14.13 27.94 -27.98
CA ALA A 1229 -12.80 27.32 -28.01
C ALA A 1229 -12.87 25.81 -27.82
N ALA A 1230 -14.00 25.31 -27.32
CA ALA A 1230 -14.23 23.88 -27.17
C ALA A 1230 -14.81 23.27 -28.45
N THR A 1231 -15.75 23.94 -29.08
CA THR A 1231 -16.33 23.42 -30.31
C THR A 1231 -15.40 23.53 -31.51
N LEU A 1232 -14.29 24.26 -31.39
CA LEU A 1232 -13.35 24.42 -32.49
C LEU A 1232 -12.16 23.48 -32.39
N LEU A 1233 -12.12 22.63 -31.35
CA LEU A 1233 -10.95 21.81 -31.07
C LEU A 1233 -11.20 20.33 -31.34
N ARG A 1234 -12.46 19.92 -31.40
CA ARG A 1234 -12.83 18.51 -31.48
C ARG A 1234 -13.63 18.33 -32.76
N ARG A 1235 -12.97 17.83 -33.80
CA ARG A 1235 -13.58 17.61 -35.09
C ARG A 1235 -13.28 16.27 -35.74
N ASP A 1236 -12.21 15.59 -35.35
CA ASP A 1236 -11.65 14.55 -36.20
C ASP A 1236 -11.04 13.46 -35.30
N ILE A 1237 -10.17 12.64 -35.90
CA ILE A 1237 -9.65 11.40 -35.33
C ILE A 1237 -9.13 11.59 -33.91
N VAL A 1238 -8.82 12.83 -33.53
CA VAL A 1238 -8.55 13.11 -32.13
C VAL A 1238 -9.75 12.73 -31.28
N PHE A 1239 -10.95 13.03 -31.76
CA PHE A 1239 -12.20 12.72 -31.08
C PHE A 1239 -13.04 11.74 -31.88
N ALA A 1240 -12.40 10.83 -32.60
CA ALA A 1240 -13.14 9.84 -33.36
C ALA A 1240 -13.84 8.87 -32.41
N ALA A 1241 -15.09 8.57 -32.74
CA ALA A 1241 -15.91 7.70 -31.91
C ALA A 1241 -15.35 6.29 -31.86
N SER A 1242 -15.64 5.59 -30.78
CA SER A 1242 -15.14 4.24 -30.59
C SER A 1242 -15.82 3.31 -31.58
N LEU A 1243 -15.18 2.15 -31.81
CA LEU A 1243 -15.71 1.21 -32.78
C LEU A 1243 -16.87 0.41 -32.18
N TYR A 1244 -16.62 -0.31 -31.09
CA TYR A 1244 -17.70 -1.05 -30.45
C TYR A 1244 -18.41 -0.16 -29.43
N THR A 1245 -18.84 0.97 -29.93
CA THR A 1245 -19.77 1.89 -29.28
C THR A 1245 -20.98 2.19 -30.15
N GLN A 1246 -20.78 2.26 -31.46
CA GLN A 1246 -21.86 2.52 -32.39
C GLN A 1246 -21.82 1.52 -33.55
#